data_7N93
#
_entry.id   7N93
#
_cell.length_a   61.020
_cell.length_b   75.450
_cell.length_c   151.600
_cell.angle_alpha   90.000
_cell.angle_beta   90.000
_cell.angle_gamma   90.000
#
_symmetry.space_group_name_H-M   'P 21 21 21'
#
loop_
_entity.id
_entity.type
_entity.pdbx_description
1 polymer 'Ribosomal protein S6 kinase beta-1'
2 non-polymer 4-({(1S)-2-(azetidin-1-yl)-1-[4-chloro-3-(trifluoromethyl)phenyl]ethyl}amino)quinazoline-8-carboxamide
3 water water
#
_entity_poly.entity_id   1
_entity_poly.type   'polypeptide(L)'
_entity_poly.pdbx_seq_one_letter_code
;GPEKIRPECFELLRVLGKGGYGKVFQVRKVTGANTGKIFAMKVLKKAMIVRNAKDTAHTKAERNILEEVKHPFIVDLIYA
FQTGGKLYLILEYLSGGELFMQLEREGIFMEDTACFYLAEISMALGHLHQKGIIYRDLKPENIMLNHQGHVKLTDFGLCK
ESIHDGTVTHTFCGTIEYMAPEILMRSGHNRAVDWWSLGALMYDMLTGAPPFTGENRKKTIDKILKCKLNLPPYLTQEAR
DLLKKLLKRNAASRLGAGPGDAGEVQAHPFFRHINWEELLARKVEPPFKPLLQSEEDVSQFDSKFTRQ(TPO)PVD
(SEP)PDDSTLSESANQVFLGFEYVAPSVLES
;
_entity_poly.pdbx_strand_id   A,B
#
loop_
_chem_comp.id
_chem_comp.type
_chem_comp.name
_chem_comp.formula
1SK non-polymer 4-({(1S)-2-(azetidin-1-yl)-1-[4-chloro-3-(trifluoromethyl)phenyl]ethyl}amino)quinazoline-8-carboxamide 'C21 H19 Cl F3 N5 O'
#
# COMPACT_ATOMS: atom_id res chain seq x y z
N ARG A 6 -5.66 -22.10 7.96
CA ARG A 6 -5.74 -21.62 9.37
C ARG A 6 -4.64 -20.63 9.74
N PRO A 7 -4.66 -20.16 11.00
CA PRO A 7 -3.81 -19.11 11.55
C PRO A 7 -2.35 -19.12 11.06
N GLU A 8 -1.81 -20.32 10.83
CA GLU A 8 -0.40 -20.45 10.49
C GLU A 8 -0.01 -19.74 9.19
N CYS A 9 -0.96 -19.64 8.25
CA CYS A 9 -0.65 -19.12 6.91
C CYS A 9 -0.47 -17.62 6.87
N PHE A 10 -0.69 -16.96 8.00
CA PHE A 10 -0.76 -15.52 7.99
C PHE A 10 0.19 -14.90 8.98
N GLU A 11 1.00 -13.97 8.47
CA GLU A 11 1.93 -13.25 9.30
C GLU A 11 1.33 -11.90 9.70
N LEU A 12 1.24 -11.68 11.00
CA LEU A 12 0.62 -10.47 11.51
C LEU A 12 1.51 -9.28 11.24
N LEU A 13 1.14 -8.43 10.30
CA LEU A 13 1.95 -7.25 10.03
C LEU A 13 1.60 -6.07 10.93
N ARG A 14 0.32 -5.88 11.23
CA ARG A 14 -0.09 -4.68 11.95
C ARG A 14 -1.48 -4.79 12.56
N VAL A 15 -1.69 -4.04 13.63
CA VAL A 15 -3.00 -3.90 14.22
C VAL A 15 -3.72 -2.76 13.51
N LEU A 16 -4.90 -3.04 12.99
CA LEU A 16 -5.66 -2.02 12.29
C LEU A 16 -6.87 -1.55 13.09
N GLY A 17 -7.43 -2.43 13.92
CA GLY A 17 -8.53 -2.06 14.82
C GLY A 17 -8.63 -2.96 16.05
N LYS A 18 -9.17 -2.41 17.13
CA LYS A 18 -9.38 -3.18 18.36
C LYS A 18 -10.77 -3.00 18.96
N GLY A 19 -11.16 -3.92 19.84
CA GLY A 19 -12.47 -3.86 20.49
C GLY A 19 -12.66 -4.91 21.58
N GLY A 20 -13.78 -4.80 22.29
CA GLY A 20 -14.14 -5.81 23.28
C GLY A 20 -14.07 -7.25 22.79
N TYR A 21 -14.53 -7.50 21.56
CA TYR A 21 -14.70 -8.88 21.06
C TYR A 21 -13.50 -9.55 20.37
N GLY A 22 -12.50 -8.75 20.00
CA GLY A 22 -11.30 -9.26 19.32
C GLY A 22 -10.57 -8.14 18.60
N LYS A 23 -9.90 -8.47 17.50
CA LYS A 23 -9.12 -7.48 16.79
C LYS A 23 -9.22 -7.64 15.29
N VAL A 24 -8.88 -6.58 14.55
CA VAL A 24 -8.70 -6.65 13.09
C VAL A 24 -7.22 -6.48 12.74
N PHE A 25 -6.62 -7.53 12.19
CA PHE A 25 -5.20 -7.54 11.85
C PHE A 25 -4.87 -7.35 10.38
N GLN A 26 -3.78 -6.65 10.09
CA GLN A 26 -3.24 -6.60 8.75
C GLN A 26 -2.25 -7.73 8.63
N VAL A 27 -2.44 -8.62 7.66
CA VAL A 27 -1.53 -9.76 7.59
C VAL A 27 -1.19 -10.14 6.17
N ARG A 28 0.06 -10.54 5.96
CA ARG A 28 0.47 -11.04 4.65
C ARG A 28 0.43 -12.56 4.65
N LYS A 29 -0.24 -13.14 3.65
CA LYS A 29 -0.28 -14.59 3.50
C LYS A 29 1.08 -15.14 3.06
N VAL A 30 1.39 -16.37 3.48
CA VAL A 30 2.76 -16.87 3.35
C VAL A 30 2.91 -18.02 2.35
N THR A 31 2.02 -19.00 2.45
CA THR A 31 2.09 -20.22 1.65
C THR A 31 1.15 -20.18 0.43
N GLY A 32 1.38 -21.08 -0.52
CA GLY A 32 0.51 -21.22 -1.69
C GLY A 32 0.31 -19.90 -2.43
N ALA A 33 -0.38 -19.95 -3.57
CA ALA A 33 -0.68 -18.73 -4.33
C ALA A 33 -1.60 -17.80 -3.51
N ASN A 34 -1.57 -16.51 -3.82
CA ASN A 34 -2.06 -15.50 -2.90
C ASN A 34 -1.02 -15.35 -1.81
N THR A 35 0.03 -16.17 -1.93
CA THR A 35 1.30 -15.96 -1.30
C THR A 35 1.72 -14.52 -1.56
N GLY A 36 2.25 -13.87 -0.53
CA GLY A 36 2.72 -12.50 -0.66
C GLY A 36 1.61 -11.49 -0.54
N LYS A 37 0.40 -11.87 -0.97
CA LYS A 37 -0.75 -10.97 -0.95
C LYS A 37 -1.22 -10.62 0.46
N ILE A 38 -1.48 -9.34 0.68
CA ILE A 38 -1.91 -8.81 1.96
C ILE A 38 -3.44 -8.90 2.14
N PHE A 39 -3.88 -9.13 3.36
CA PHE A 39 -5.30 -9.13 3.68
C PHE A 39 -5.54 -8.40 4.97
N ALA A 40 -6.80 -8.35 5.38
CA ALA A 40 -7.15 -7.95 6.73
C ALA A 40 -7.67 -9.19 7.48
N MET A 41 -7.13 -9.45 8.66
CA MET A 41 -7.60 -10.58 9.46
C MET A 41 -8.47 -10.11 10.60
N LYS A 42 -9.69 -10.64 10.69
CA LYS A 42 -10.58 -10.23 11.78
C LYS A 42 -10.79 -11.39 12.73
N VAL A 43 -10.48 -11.15 14.00
CA VAL A 43 -10.53 -12.23 14.99
C VAL A 43 -11.42 -11.96 16.21
N LEU A 44 -12.43 -12.79 16.34
CA LEU A 44 -13.35 -12.67 17.45
C LEU A 44 -13.09 -13.78 18.47
N LYS A 45 -13.24 -13.44 19.75
CA LYS A 45 -13.27 -14.46 20.80
C LYS A 45 -14.65 -15.12 20.83
N LYS A 46 -14.66 -16.44 20.69
CA LYS A 46 -15.90 -17.21 20.74
C LYS A 46 -16.53 -17.02 22.10
N ALA A 47 -15.67 -16.88 23.09
CA ALA A 47 -16.06 -16.68 24.49
C ALA A 47 -17.20 -15.67 24.64
N MET A 48 -16.92 -14.43 24.28
CA MET A 48 -17.84 -13.32 24.54
C MET A 48 -19.11 -13.35 23.68
N ILE A 49 -19.07 -14.12 22.59
CA ILE A 49 -20.19 -14.22 21.66
C ILE A 49 -21.30 -15.18 22.09
N VAL A 50 -20.88 -16.37 22.51
CA VAL A 50 -21.81 -17.44 22.87
C VAL A 50 -22.66 -17.33 24.14
N ARG A 51 -22.16 -16.60 25.12
CA ARG A 51 -22.93 -16.33 26.33
C ARG A 51 -24.14 -15.43 26.12
N ASN A 52 -24.23 -14.78 24.96
CA ASN A 52 -25.46 -14.10 24.63
C ASN A 52 -26.12 -14.66 23.39
N ALA A 53 -27.45 -14.65 23.37
CA ALA A 53 -28.19 -15.19 22.25
C ALA A 53 -28.11 -14.48 20.89
N LYS A 54 -28.57 -13.23 20.89
CA LYS A 54 -28.52 -12.39 19.71
C LYS A 54 -27.10 -12.20 19.16
N ASP A 55 -26.11 -12.17 20.04
CA ASP A 55 -24.72 -12.03 19.63
C ASP A 55 -24.30 -13.15 18.70
N THR A 56 -24.65 -14.38 19.07
CA THR A 56 -24.23 -15.54 18.30
C THR A 56 -24.92 -15.58 16.94
N ALA A 57 -26.23 -15.39 16.93
CA ALA A 57 -26.97 -15.36 15.69
C ALA A 57 -26.35 -14.29 14.79
N HIS A 58 -26.07 -13.14 15.41
CA HIS A 58 -25.55 -11.98 14.71
C HIS A 58 -24.18 -12.28 14.06
N THR A 59 -23.28 -12.88 14.84
CA THR A 59 -21.99 -13.27 14.30
C THR A 59 -22.17 -14.22 13.13
N LYS A 60 -23.12 -15.13 13.26
CA LYS A 60 -23.41 -16.12 12.22
C LYS A 60 -24.07 -15.47 11.01
N ALA A 61 -24.92 -14.48 11.25
CA ALA A 61 -25.56 -13.78 10.16
C ALA A 61 -24.47 -13.15 9.32
N GLU A 62 -23.54 -12.48 9.99
CA GLU A 62 -22.45 -11.82 9.33
C GLU A 62 -21.66 -12.83 8.49
N ARG A 63 -21.42 -13.99 9.09
CA ARG A 63 -20.71 -15.06 8.41
C ARG A 63 -21.44 -15.45 7.13
N ASN A 64 -22.75 -15.61 7.21
CA ASN A 64 -23.49 -16.06 6.02
C ASN A 64 -23.81 -14.94 5.02
N ILE A 65 -23.77 -13.70 5.48
CA ILE A 65 -24.04 -12.55 4.59
C ILE A 65 -22.82 -12.18 3.74
N LEU A 66 -21.65 -12.14 4.35
CA LEU A 66 -20.44 -11.91 3.58
C LEU A 66 -20.19 -13.00 2.52
N GLU A 67 -20.94 -14.09 2.56
CA GLU A 67 -20.85 -15.11 1.53
C GLU A 67 -21.98 -14.94 0.49
N GLU A 68 -23.23 -14.96 0.95
CA GLU A 68 -24.35 -14.76 0.03
C GLU A 68 -24.20 -13.49 -0.79
N VAL A 69 -23.45 -12.53 -0.29
CA VAL A 69 -23.43 -11.23 -0.93
C VAL A 69 -22.08 -10.86 -1.48
N LYS A 70 -21.88 -11.08 -2.78
CA LYS A 70 -20.74 -10.50 -3.50
C LYS A 70 -21.23 -9.25 -4.24
N HIS A 71 -20.53 -8.13 -4.10
CA HIS A 71 -21.00 -6.89 -4.69
C HIS A 71 -19.89 -5.88 -4.60
N PRO A 72 -19.70 -5.10 -5.67
CA PRO A 72 -18.60 -4.16 -5.78
C PRO A 72 -18.37 -3.38 -4.50
N PHE A 73 -19.45 -2.99 -3.81
CA PHE A 73 -19.30 -2.09 -2.65
C PHE A 73 -19.52 -2.74 -1.28
N ILE A 74 -19.01 -3.95 -1.11
CA ILE A 74 -19.16 -4.69 0.13
C ILE A 74 -17.96 -5.59 0.43
N VAL A 75 -17.29 -5.33 1.53
CA VAL A 75 -16.11 -6.06 1.88
C VAL A 75 -16.30 -7.55 1.61
N ASP A 76 -15.34 -8.16 0.90
CA ASP A 76 -15.38 -9.58 0.58
C ASP A 76 -14.76 -10.46 1.63
N LEU A 77 -15.19 -11.71 1.63
CA LEU A 77 -14.66 -12.72 2.49
C LEU A 77 -13.81 -13.68 1.66
N ILE A 78 -12.52 -13.73 1.91
CA ILE A 78 -11.68 -14.66 1.17
C ILE A 78 -11.49 -15.98 1.90
N TYR A 79 -11.22 -15.95 3.20
CA TYR A 79 -11.35 -17.17 4.00
C TYR A 79 -12.06 -16.89 5.33
N ALA A 80 -12.59 -17.96 5.92
CA ALA A 80 -13.13 -17.89 7.25
C ALA A 80 -12.73 -19.21 7.88
N PHE A 81 -12.55 -19.24 9.20
CA PHE A 81 -12.12 -20.46 9.87
C PHE A 81 -11.95 -20.24 11.36
N GLN A 82 -11.68 -21.32 12.10
CA GLN A 82 -11.72 -21.30 13.57
C GLN A 82 -10.64 -22.13 14.27
N THR A 83 -10.70 -22.13 15.60
CA THR A 83 -9.74 -22.84 16.46
C THR A 83 -10.22 -22.74 17.91
N GLY A 84 -9.66 -23.57 18.78
CA GLY A 84 -9.95 -23.47 20.21
C GLY A 84 -11.06 -22.48 20.48
N GLY A 85 -10.70 -21.25 20.86
CA GLY A 85 -11.70 -20.27 21.25
C GLY A 85 -11.83 -19.02 20.39
N LYS A 86 -11.44 -19.12 19.12
CA LYS A 86 -11.41 -17.94 18.26
C LYS A 86 -12.17 -18.06 16.92
N LEU A 87 -12.50 -16.91 16.32
CA LEU A 87 -13.17 -16.86 15.02
C LEU A 87 -12.38 -15.99 14.06
N TYR A 88 -12.11 -16.54 12.88
CA TYR A 88 -11.28 -15.86 11.88
C TYR A 88 -12.02 -15.62 10.58
N LEU A 89 -11.94 -14.39 10.12
CA LEU A 89 -12.39 -14.04 8.79
C LEU A 89 -11.23 -13.34 8.11
N ILE A 90 -10.98 -13.68 6.85
CA ILE A 90 -10.01 -12.92 6.07
C ILE A 90 -10.71 -12.09 5.03
N LEU A 91 -10.68 -10.77 5.23
CA LEU A 91 -11.29 -9.84 4.30
C LEU A 91 -10.24 -9.27 3.39
N GLU A 92 -10.66 -8.77 2.23
CA GLU A 92 -9.76 -8.00 1.43
C GLU A 92 -9.33 -6.89 2.36
N TYR A 93 -8.15 -6.33 2.11
CA TYR A 93 -7.62 -5.28 2.95
C TYR A 93 -7.88 -3.94 2.30
N LEU A 94 -8.66 -3.10 2.97
CA LEU A 94 -9.12 -1.82 2.42
C LEU A 94 -8.22 -0.66 2.79
N SER A 95 -7.18 -0.46 1.99
CA SER A 95 -6.14 0.49 2.31
C SER A 95 -6.62 1.93 2.27
N GLY A 96 -7.82 2.15 1.76
CA GLY A 96 -8.36 3.50 1.66
C GLY A 96 -8.78 4.03 3.01
N GLY A 97 -8.87 3.13 3.98
CA GLY A 97 -9.26 3.48 5.35
C GLY A 97 -10.72 3.85 5.54
N GLU A 98 -11.03 4.46 6.68
CA GLU A 98 -12.39 4.85 7.01
C GLU A 98 -12.76 6.12 6.30
N LEU A 99 -13.97 6.15 5.77
CA LEU A 99 -14.48 7.37 5.19
C LEU A 99 -14.34 8.45 6.24
N PHE A 100 -14.56 8.07 7.49
CA PHE A 100 -14.39 8.98 8.61
C PHE A 100 -13.09 9.76 8.52
N MET A 101 -11.99 9.03 8.27
CA MET A 101 -10.65 9.62 8.21
C MET A 101 -10.52 10.64 7.09
N GLN A 102 -11.08 10.30 5.93
CA GLN A 102 -10.96 11.15 4.76
C GLN A 102 -11.66 12.46 5.02
N LEU A 103 -12.77 12.35 5.75
CA LEU A 103 -13.60 13.50 6.05
C LEU A 103 -12.87 14.44 7.03
N GLU A 104 -12.09 13.87 7.93
CA GLU A 104 -11.29 14.69 8.83
C GLU A 104 -10.15 15.35 8.11
N ARG A 105 -9.39 14.55 7.36
CA ARG A 105 -8.29 15.07 6.57
C ARG A 105 -8.74 16.21 5.69
N GLU A 106 -9.89 16.04 5.04
CA GLU A 106 -10.41 17.07 4.12
C GLU A 106 -11.27 18.13 4.83
N GLY A 107 -11.85 17.80 5.98
CA GLY A 107 -12.67 18.74 6.73
C GLY A 107 -14.10 18.85 6.26
N ILE A 108 -14.29 19.16 4.97
CA ILE A 108 -15.62 19.22 4.37
C ILE A 108 -15.53 18.70 2.93
N PHE A 109 -16.63 18.18 2.40
CA PHE A 109 -16.66 17.71 1.01
C PHE A 109 -17.36 18.68 0.06
N MET A 110 -16.79 18.84 -1.13
CA MET A 110 -17.49 19.47 -2.26
C MET A 110 -18.71 18.61 -2.55
N GLU A 111 -19.78 19.21 -3.07
CA GLU A 111 -20.99 18.44 -3.33
C GLU A 111 -20.73 17.20 -4.19
N ASP A 112 -20.16 17.40 -5.36
CA ASP A 112 -20.02 16.28 -6.27
C ASP A 112 -19.08 15.23 -5.71
N THR A 113 -18.35 15.62 -4.66
CA THR A 113 -17.56 14.66 -3.92
C THR A 113 -18.50 13.83 -3.10
N ALA A 114 -19.37 14.48 -2.34
CA ALA A 114 -20.31 13.75 -1.50
C ALA A 114 -21.17 12.86 -2.37
N CYS A 115 -21.49 13.37 -3.55
CA CYS A 115 -22.42 12.71 -4.45
C CYS A 115 -21.87 11.37 -4.90
N PHE A 116 -20.58 11.32 -5.13
CA PHE A 116 -19.96 10.09 -5.55
C PHE A 116 -20.04 9.00 -4.48
N TYR A 117 -19.74 9.35 -3.22
CA TYR A 117 -19.81 8.35 -2.13
C TYR A 117 -21.25 7.93 -1.88
N LEU A 118 -22.12 8.92 -1.72
CA LEU A 118 -23.48 8.62 -1.40
C LEU A 118 -24.11 7.75 -2.49
N ALA A 119 -23.70 7.99 -3.72
CA ALA A 119 -24.21 7.22 -4.83
C ALA A 119 -23.85 5.76 -4.63
N GLU A 120 -22.54 5.51 -4.48
CA GLU A 120 -22.07 4.16 -4.43
C GLU A 120 -22.72 3.48 -3.28
N ILE A 121 -22.90 4.21 -2.19
CA ILE A 121 -23.46 3.61 -1.00
C ILE A 121 -24.92 3.23 -1.23
N SER A 122 -25.66 4.11 -1.89
CA SER A 122 -27.06 3.88 -2.16
C SER A 122 -27.24 2.62 -2.99
N MET A 123 -26.17 2.10 -3.57
CA MET A 123 -26.28 0.89 -4.36
C MET A 123 -26.10 -0.36 -3.52
N ALA A 124 -25.37 -0.24 -2.42
CA ALA A 124 -25.15 -1.38 -1.57
C ALA A 124 -26.38 -1.57 -0.71
N LEU A 125 -27.02 -0.47 -0.35
CA LEU A 125 -28.27 -0.56 0.39
C LEU A 125 -29.30 -1.22 -0.50
N GLY A 126 -29.44 -0.71 -1.72
CA GLY A 126 -30.27 -1.39 -2.70
C GLY A 126 -30.01 -2.89 -2.75
N HIS A 127 -28.76 -3.26 -2.99
CA HIS A 127 -28.45 -4.66 -3.05
C HIS A 127 -28.83 -5.34 -1.73
N LEU A 128 -28.37 -4.77 -0.63
CA LEU A 128 -28.65 -5.31 0.70
C LEU A 128 -30.16 -5.47 0.94
N HIS A 129 -30.93 -4.53 0.44
CA HIS A 129 -32.34 -4.54 0.76
C HIS A 129 -33.07 -5.65 0.00
N GLN A 130 -32.59 -5.96 -1.18
CA GLN A 130 -33.14 -7.05 -1.94
C GLN A 130 -32.92 -8.39 -1.27
N LYS A 131 -31.80 -8.58 -0.59
CA LYS A 131 -31.63 -9.80 0.22
C LYS A 131 -32.32 -9.65 1.58
N GLY A 132 -33.15 -8.63 1.72
CA GLY A 132 -33.81 -8.38 2.99
C GLY A 132 -32.77 -8.20 4.08
N ILE A 133 -31.76 -7.40 3.79
CA ILE A 133 -30.74 -7.06 4.76
C ILE A 133 -30.73 -5.57 5.03
N ILE A 134 -30.46 -5.22 6.28
CA ILE A 134 -30.50 -3.83 6.67
C ILE A 134 -29.20 -3.46 7.31
N TYR A 135 -28.74 -2.23 7.08
CA TYR A 135 -27.40 -1.88 7.53
C TYR A 135 -27.40 -1.06 8.81
N ARG A 136 -28.49 -0.32 9.05
CA ARG A 136 -28.69 0.39 10.32
C ARG A 136 -27.86 1.66 10.46
N ASP A 137 -26.54 1.55 10.31
CA ASP A 137 -25.63 2.59 10.75
C ASP A 137 -24.75 3.13 9.62
N LEU A 138 -25.01 4.36 9.20
CA LEU A 138 -24.19 4.96 8.16
C LEU A 138 -23.28 6.05 8.68
N LYS A 139 -22.86 5.94 9.94
CA LYS A 139 -21.78 6.80 10.39
C LYS A 139 -20.54 6.55 9.53
N PRO A 140 -19.79 7.62 9.26
CA PRO A 140 -18.60 7.53 8.44
C PRO A 140 -17.63 6.51 8.98
N GLU A 141 -17.64 6.27 10.28
CA GLU A 141 -16.79 5.23 10.86
C GLU A 141 -17.08 3.87 10.20
N ASN A 142 -18.36 3.56 10.01
CA ASN A 142 -18.78 2.28 9.47
C ASN A 142 -18.58 2.08 7.99
N ILE A 143 -17.93 3.04 7.35
CA ILE A 143 -17.79 2.93 5.91
C ILE A 143 -16.31 3.00 5.60
N MET A 144 -15.83 2.08 4.76
CA MET A 144 -14.42 2.08 4.39
C MET A 144 -14.18 2.30 2.91
N LEU A 145 -12.95 2.68 2.58
CA LEU A 145 -12.55 2.81 1.19
C LEU A 145 -11.59 1.70 0.82
N ASN A 146 -11.63 1.23 -0.43
CA ASN A 146 -10.69 0.20 -0.86
C ASN A 146 -9.45 0.86 -1.46
N HIS A 147 -8.56 0.09 -2.10
CA HIS A 147 -7.29 0.68 -2.58
C HIS A 147 -7.52 1.72 -3.67
N GLN A 148 -8.46 1.47 -4.57
N GLN A 148 -8.44 1.47 -4.60
CA GLN A 148 -8.73 2.39 -5.65
CA GLN A 148 -8.68 2.46 -5.62
C GLN A 148 -9.65 3.50 -5.16
C GLN A 148 -9.27 3.67 -4.94
N GLY A 149 -10.05 3.41 -3.89
CA GLY A 149 -10.81 4.46 -3.24
C GLY A 149 -12.31 4.39 -3.43
N HIS A 150 -12.83 3.22 -3.77
CA HIS A 150 -14.28 3.05 -3.81
C HIS A 150 -14.79 2.62 -2.46
N VAL A 151 -16.09 2.78 -2.23
CA VAL A 151 -16.58 2.55 -0.89
C VAL A 151 -16.74 1.08 -0.61
N LYS A 152 -16.63 0.72 0.66
CA LYS A 152 -16.91 -0.63 1.09
C LYS A 152 -17.70 -0.63 2.40
N LEU A 153 -18.90 -1.18 2.38
CA LEU A 153 -19.65 -1.44 3.61
C LEU A 153 -19.02 -2.66 4.28
N THR A 154 -18.77 -2.59 5.58
CA THR A 154 -18.02 -3.65 6.23
C THR A 154 -18.71 -4.23 7.44
N ASP A 155 -19.54 -3.43 8.09
CA ASP A 155 -20.03 -3.81 9.43
C ASP A 155 -21.40 -4.46 9.40
N PHE A 156 -21.40 -5.78 9.47
CA PHE A 156 -22.63 -6.54 9.44
C PHE A 156 -22.76 -7.40 10.68
N GLY A 157 -21.74 -7.41 11.52
CA GLY A 157 -21.76 -8.24 12.72
C GLY A 157 -21.80 -7.45 14.02
N LEU A 158 -21.36 -8.09 15.10
CA LEU A 158 -21.21 -7.41 16.35
C LEU A 158 -20.38 -6.18 16.07
N CYS A 159 -20.70 -5.07 16.72
CA CYS A 159 -19.99 -3.84 16.46
C CYS A 159 -18.81 -3.72 17.38
N LYS A 160 -18.04 -2.65 17.22
CA LYS A 160 -16.66 -2.60 17.68
C LYS A 160 -16.44 -2.33 19.17
N GLU A 161 -17.51 -2.32 19.96
CA GLU A 161 -17.40 -2.01 21.39
C GLU A 161 -17.61 -3.24 22.30
N CYS A 173 -22.55 0.74 21.70
CA CYS A 173 -22.22 0.46 20.31
C CYS A 173 -21.97 1.73 19.47
N GLY A 174 -21.45 2.78 20.09
CA GLY A 174 -21.03 3.99 19.37
C GLY A 174 -22.00 5.17 19.40
N THR A 175 -21.66 6.23 18.67
CA THR A 175 -22.51 7.43 18.59
C THR A 175 -23.90 7.10 18.05
N ILE A 176 -24.90 7.91 18.36
CA ILE A 176 -26.24 7.69 17.82
C ILE A 176 -26.58 8.72 16.74
N GLU A 177 -25.67 9.66 16.54
CA GLU A 177 -25.89 10.78 15.63
C GLU A 177 -26.48 10.46 14.27
N TYR A 178 -26.40 9.22 13.81
CA TYR A 178 -26.88 8.92 12.46
C TYR A 178 -28.02 7.94 12.47
N MET A 179 -28.71 7.83 13.61
CA MET A 179 -29.81 6.88 13.77
C MET A 179 -31.18 7.52 13.58
N ALA A 180 -32.05 6.86 12.82
CA ALA A 180 -33.38 7.38 12.65
C ALA A 180 -34.11 7.32 13.98
N PRO A 181 -35.19 8.11 14.12
CA PRO A 181 -35.93 8.14 15.35
C PRO A 181 -36.54 6.80 15.71
N GLU A 182 -36.96 6.01 14.74
CA GLU A 182 -37.70 4.80 15.06
C GLU A 182 -36.81 3.78 15.78
N ILE A 183 -35.53 3.77 15.44
CA ILE A 183 -34.60 2.96 16.21
C ILE A 183 -34.39 3.50 17.62
N LEU A 184 -34.25 4.83 17.73
CA LEU A 184 -34.03 5.47 19.03
C LEU A 184 -35.25 5.40 19.93
N MET A 185 -36.43 5.27 19.33
CA MET A 185 -37.65 5.06 20.12
C MET A 185 -37.92 3.56 20.21
N ARG A 186 -37.19 2.77 19.45
CA ARG A 186 -37.37 1.32 19.44
C ARG A 186 -38.80 0.95 19.13
N SER A 187 -39.50 1.78 18.35
CA SER A 187 -40.92 1.56 18.11
C SER A 187 -41.16 0.40 17.16
N GLY A 188 -40.09 -0.12 16.57
CA GLY A 188 -40.21 -1.10 15.49
C GLY A 188 -39.76 -0.36 14.26
N HIS A 189 -39.07 -1.04 13.35
CA HIS A 189 -38.47 -0.36 12.21
C HIS A 189 -38.25 -1.28 11.01
N ASN A 190 -37.84 -0.70 9.88
CA ASN A 190 -37.58 -1.47 8.68
C ASN A 190 -36.37 -0.94 7.87
N ARG A 191 -36.30 -1.34 6.61
CA ARG A 191 -35.25 -0.89 5.71
C ARG A 191 -35.23 0.62 5.56
N ALA A 192 -36.26 1.30 6.05
CA ALA A 192 -36.30 2.74 5.88
C ALA A 192 -35.23 3.46 6.71
N VAL A 193 -34.81 2.86 7.82
CA VAL A 193 -33.84 3.53 8.66
C VAL A 193 -32.59 3.93 7.87
N ASP A 194 -32.19 3.06 6.94
CA ASP A 194 -31.00 3.30 6.12
C ASP A 194 -31.06 4.64 5.37
N TRP A 195 -32.22 5.01 4.89
CA TRP A 195 -32.30 6.23 4.12
C TRP A 195 -32.25 7.44 5.03
N TRP A 196 -32.72 7.29 6.26
CA TRP A 196 -32.57 8.38 7.19
C TRP A 196 -31.08 8.54 7.43
N SER A 197 -30.44 7.42 7.70
CA SER A 197 -29.04 7.41 8.01
C SER A 197 -28.29 8.04 6.85
N LEU A 198 -28.63 7.64 5.63
CA LEU A 198 -27.87 8.13 4.50
C LEU A 198 -27.91 9.65 4.46
N GLY A 199 -29.08 10.23 4.67
CA GLY A 199 -29.23 11.69 4.78
C GLY A 199 -28.31 12.30 5.82
N ALA A 200 -28.38 11.82 7.05
CA ALA A 200 -27.48 12.29 8.10
C ALA A 200 -26.03 12.21 7.65
N LEU A 201 -25.67 11.09 7.05
CA LEU A 201 -24.32 10.96 6.54
C LEU A 201 -24.08 12.11 5.56
N MET A 202 -25.03 12.31 4.66
CA MET A 202 -24.86 13.34 3.63
C MET A 202 -24.66 14.72 4.23
N TYR A 203 -25.58 15.11 5.09
CA TYR A 203 -25.54 16.39 5.78
C TYR A 203 -24.17 16.63 6.42
N ASP A 204 -23.63 15.60 7.06
CA ASP A 204 -22.36 15.73 7.72
C ASP A 204 -21.29 16.03 6.70
N MET A 205 -21.29 15.25 5.62
CA MET A 205 -20.37 15.48 4.52
C MET A 205 -20.35 16.93 4.06
N LEU A 206 -21.53 17.46 3.75
CA LEU A 206 -21.61 18.82 3.21
C LEU A 206 -21.43 19.96 4.20
N THR A 207 -21.53 19.69 5.51
CA THR A 207 -21.35 20.77 6.48
C THR A 207 -20.27 20.55 7.54
N GLY A 208 -19.70 19.36 7.58
CA GLY A 208 -18.69 19.05 8.60
C GLY A 208 -19.28 18.64 9.94
N ALA A 209 -20.58 18.43 10.00
CA ALA A 209 -21.23 18.09 11.27
C ALA A 209 -22.55 17.38 11.04
N PRO A 210 -22.84 16.38 11.89
CA PRO A 210 -24.10 15.65 11.88
C PRO A 210 -25.25 16.61 12.09
N PRO A 211 -26.42 16.30 11.52
CA PRO A 211 -27.55 17.20 11.59
C PRO A 211 -28.02 17.46 13.01
N PHE A 212 -27.64 16.64 13.97
CA PHE A 212 -28.12 16.83 15.34
C PHE A 212 -27.08 16.57 16.43
N THR A 213 -26.79 17.58 17.23
CA THR A 213 -25.99 17.42 18.46
C THR A 213 -26.22 18.65 19.29
N GLY A 214 -26.14 18.51 20.60
CA GLY A 214 -25.79 17.26 21.22
C GLY A 214 -24.77 17.51 22.30
N GLU A 215 -25.16 18.28 23.31
CA GLU A 215 -24.25 18.56 24.42
C GLU A 215 -23.63 17.20 24.74
N ASN A 216 -24.48 16.16 24.62
CA ASN A 216 -24.25 14.79 25.09
C ASN A 216 -25.28 13.83 24.47
N ARG A 217 -25.16 12.54 24.77
CA ARG A 217 -26.07 11.53 24.21
C ARG A 217 -27.55 11.81 24.51
N LYS A 218 -27.88 12.06 25.77
CA LYS A 218 -29.26 12.33 26.15
C LYS A 218 -29.87 13.45 25.31
N LYS A 219 -29.19 14.57 25.22
CA LYS A 219 -29.70 15.75 24.49
C LYS A 219 -29.71 15.56 22.98
N THR A 220 -28.69 14.91 22.45
CA THR A 220 -28.65 14.59 21.04
C THR A 220 -29.96 13.89 20.64
N ILE A 221 -30.29 12.81 21.34
CA ILE A 221 -31.52 12.07 21.05
C ILE A 221 -32.72 13.00 21.00
N ASP A 222 -32.85 13.83 22.04
CA ASP A 222 -33.92 14.80 22.09
C ASP A 222 -33.96 15.62 20.82
N LYS A 223 -32.80 16.05 20.35
CA LYS A 223 -32.75 16.81 19.11
C LYS A 223 -33.25 15.94 17.95
N ILE A 224 -32.51 14.88 17.62
CA ILE A 224 -32.92 13.93 16.59
C ILE A 224 -34.42 13.62 16.61
N LEU A 225 -35.02 13.62 17.80
CA LEU A 225 -36.45 13.37 17.92
C LEU A 225 -37.30 14.61 17.70
N LYS A 226 -36.81 15.77 18.13
CA LYS A 226 -37.68 16.93 18.24
C LYS A 226 -37.38 18.09 17.27
N CYS A 227 -36.12 18.29 16.92
CA CYS A 227 -35.71 19.53 16.27
C CYS A 227 -35.98 19.64 14.77
N LYS A 228 -36.11 20.88 14.31
CA LYS A 228 -36.25 21.20 12.89
C LYS A 228 -34.90 21.19 12.23
N LEU A 229 -34.90 20.78 10.96
CA LEU A 229 -33.65 20.69 10.21
C LEU A 229 -33.04 22.06 9.96
N ASN A 230 -31.75 22.08 9.65
CA ASN A 230 -31.03 23.34 9.48
C ASN A 230 -30.19 23.35 8.23
N LEU A 231 -30.69 24.04 7.22
CA LEU A 231 -30.08 23.96 5.90
C LEU A 231 -29.37 25.25 5.55
N PRO A 232 -28.04 25.21 5.60
CA PRO A 232 -27.23 26.39 5.32
C PRO A 232 -27.50 26.88 3.92
N PRO A 233 -27.48 28.21 3.75
CA PRO A 233 -27.64 28.90 2.48
C PRO A 233 -26.74 28.39 1.35
N TYR A 234 -25.52 27.99 1.65
CA TYR A 234 -24.60 27.59 0.58
C TYR A 234 -24.93 26.22 0.02
N LEU A 235 -25.98 25.61 0.53
CA LEU A 235 -26.45 24.31 0.03
C LEU A 235 -27.32 24.47 -1.21
N THR A 236 -26.97 23.76 -2.27
CA THR A 236 -27.71 23.85 -3.50
C THR A 236 -29.12 23.30 -3.31
N GLN A 237 -30.06 23.90 -4.03
CA GLN A 237 -31.47 23.53 -3.96
C GLN A 237 -31.75 22.02 -4.05
N GLU A 238 -31.00 21.31 -4.87
CA GLU A 238 -31.22 19.86 -5.01
C GLU A 238 -30.83 19.16 -3.71
N ALA A 239 -29.71 19.59 -3.15
CA ALA A 239 -29.20 19.03 -1.93
C ALA A 239 -30.12 19.42 -0.80
N ARG A 240 -30.44 20.70 -0.68
CA ARG A 240 -31.42 21.09 0.31
C ARG A 240 -32.58 20.08 0.23
N ASP A 241 -32.94 19.69 -0.99
CA ASP A 241 -34.15 18.90 -1.20
C ASP A 241 -34.00 17.43 -0.81
N LEU A 242 -32.88 16.81 -1.19
CA LEU A 242 -32.61 15.44 -0.80
C LEU A 242 -32.61 15.35 0.72
N LEU A 243 -31.79 16.16 1.36
CA LEU A 243 -31.71 16.14 2.82
C LEU A 243 -33.11 16.17 3.42
N LYS A 244 -33.98 17.00 2.86
CA LYS A 244 -35.31 17.15 3.42
C LYS A 244 -36.18 15.91 3.20
N LYS A 245 -36.11 15.33 2.01
CA LYS A 245 -36.86 14.09 1.75
C LYS A 245 -36.26 12.85 2.45
N LEU A 246 -34.96 12.91 2.75
CA LEU A 246 -34.31 11.80 3.40
C LEU A 246 -34.30 11.83 4.93
N LEU A 247 -34.18 13.03 5.48
CA LEU A 247 -34.34 13.23 6.91
C LEU A 247 -35.80 13.46 7.34
N LYS A 248 -36.71 12.76 6.69
CA LYS A 248 -38.12 12.78 7.10
C LYS A 248 -38.34 11.97 8.38
N ARG A 249 -38.85 12.63 9.42
CA ARG A 249 -39.17 11.93 10.66
C ARG A 249 -40.30 10.90 10.49
N ASN A 250 -41.26 11.15 9.60
CA ASN A 250 -42.29 10.13 9.33
C ASN A 250 -41.83 9.09 8.31
N ALA A 251 -41.49 7.90 8.80
CA ALA A 251 -40.89 6.84 7.97
C ALA A 251 -41.72 6.43 6.74
N ALA A 252 -43.04 6.33 6.90
CA ALA A 252 -43.88 5.86 5.79
C ALA A 252 -43.55 6.65 4.53
N SER A 253 -43.10 7.88 4.71
CA SER A 253 -42.95 8.81 3.61
C SER A 253 -41.51 9.26 3.39
N ARG A 254 -40.60 8.81 4.23
CA ARG A 254 -39.18 9.11 4.03
C ARG A 254 -38.76 8.56 2.66
N LEU A 255 -38.24 9.44 1.79
CA LEU A 255 -37.77 9.00 0.47
C LEU A 255 -37.07 7.67 0.59
N GLY A 256 -37.33 6.78 -0.36
CA GLY A 256 -36.72 5.46 -0.34
C GLY A 256 -37.53 4.45 0.45
N ALA A 257 -38.51 4.95 1.21
CA ALA A 257 -39.35 4.10 2.05
C ALA A 257 -40.44 3.41 1.25
N GLY A 258 -40.28 3.30 -0.06
CA GLY A 258 -41.34 2.73 -0.91
C GLY A 258 -40.87 1.49 -1.64
N PRO A 259 -41.81 0.77 -2.29
CA PRO A 259 -41.40 -0.47 -2.97
C PRO A 259 -40.16 -0.26 -3.84
N GLY A 260 -39.97 0.97 -4.32
CA GLY A 260 -38.90 1.25 -5.29
C GLY A 260 -37.57 1.38 -4.57
N ASP A 261 -37.65 1.70 -3.30
CA ASP A 261 -36.51 1.73 -2.43
C ASP A 261 -35.38 2.53 -3.02
N ALA A 262 -34.21 1.90 -3.08
CA ALA A 262 -32.98 2.54 -3.52
C ALA A 262 -33.26 3.35 -4.76
N GLY A 263 -34.05 2.74 -5.65
CA GLY A 263 -34.50 3.39 -6.87
C GLY A 263 -35.12 4.75 -6.65
N GLU A 264 -36.10 4.85 -5.76
CA GLU A 264 -36.73 6.14 -5.51
C GLU A 264 -35.66 7.17 -5.22
N VAL A 265 -34.60 6.74 -4.54
CA VAL A 265 -33.57 7.67 -4.10
C VAL A 265 -32.63 8.05 -5.22
N GLN A 266 -32.08 7.04 -5.88
CA GLN A 266 -31.12 7.28 -6.94
C GLN A 266 -31.72 8.20 -8.00
N ALA A 267 -33.04 8.30 -8.05
CA ALA A 267 -33.70 9.04 -9.12
C ALA A 267 -34.01 10.49 -8.77
N HIS A 268 -33.33 11.02 -7.77
CA HIS A 268 -33.52 12.40 -7.35
C HIS A 268 -32.53 13.27 -8.11
N PRO A 269 -32.93 14.48 -8.49
CA PRO A 269 -32.07 15.39 -9.23
C PRO A 269 -30.66 15.50 -8.66
N PHE A 270 -30.53 15.32 -7.34
CA PHE A 270 -29.19 15.31 -6.77
C PHE A 270 -28.30 14.36 -7.55
N PHE A 271 -28.83 13.22 -7.98
CA PHE A 271 -27.97 12.24 -8.62
C PHE A 271 -28.05 12.27 -10.15
N ARG A 272 -28.38 13.42 -10.70
CA ARG A 272 -28.55 13.50 -12.15
C ARG A 272 -27.28 13.26 -12.97
N HIS A 273 -26.10 13.51 -12.42
CA HIS A 273 -24.88 13.31 -13.21
C HIS A 273 -24.26 11.93 -13.02
N ILE A 274 -25.01 11.04 -12.40
CA ILE A 274 -24.51 9.69 -12.10
C ILE A 274 -24.85 8.67 -13.18
N ASN A 275 -23.82 8.03 -13.71
CA ASN A 275 -24.01 6.88 -14.60
C ASN A 275 -23.94 5.57 -13.83
N TRP A 276 -25.10 5.12 -13.37
CA TRP A 276 -25.19 3.97 -12.49
C TRP A 276 -24.47 2.72 -12.99
N GLU A 277 -24.40 2.55 -14.30
N GLU A 277 -24.43 2.55 -14.32
CA GLU A 277 -23.75 1.35 -14.83
CA GLU A 277 -23.77 1.41 -14.95
C GLU A 277 -22.22 1.46 -14.76
C GLU A 277 -22.26 1.48 -14.72
N GLU A 278 -21.69 2.64 -15.02
CA GLU A 278 -20.25 2.86 -14.92
C GLU A 278 -19.85 2.90 -13.46
N LEU A 279 -20.68 3.55 -12.66
CA LEU A 279 -20.43 3.63 -11.24
C LEU A 279 -20.28 2.22 -10.67
N LEU A 280 -21.22 1.34 -11.02
CA LEU A 280 -21.23 -0.03 -10.52
C LEU A 280 -19.99 -0.80 -10.99
N ALA A 281 -19.49 -0.45 -12.16
CA ALA A 281 -18.31 -1.10 -12.72
C ALA A 281 -17.02 -0.42 -12.27
N ARG A 282 -17.10 0.43 -11.25
CA ARG A 282 -15.95 1.17 -10.79
C ARG A 282 -15.25 1.75 -12.00
N LYS A 283 -15.95 2.60 -12.76
CA LYS A 283 -15.33 3.30 -13.87
C LYS A 283 -15.40 4.82 -13.69
N VAL A 284 -16.05 5.26 -12.62
CA VAL A 284 -16.09 6.68 -12.29
C VAL A 284 -14.93 7.02 -11.36
N GLU A 285 -14.11 8.00 -11.76
CA GLU A 285 -12.92 8.36 -11.00
C GLU A 285 -13.22 8.78 -9.55
N PRO A 286 -12.70 8.03 -8.57
CA PRO A 286 -12.99 8.42 -7.18
C PRO A 286 -12.45 9.83 -6.89
N PRO A 287 -13.19 10.60 -6.11
CA PRO A 287 -12.82 11.96 -5.76
C PRO A 287 -11.50 12.03 -5.00
N PHE A 288 -11.11 10.93 -4.36
CA PHE A 288 -9.80 10.88 -3.75
C PHE A 288 -9.10 9.53 -3.93
N LYS A 289 -7.81 9.58 -4.23
CA LYS A 289 -7.08 8.36 -4.51
C LYS A 289 -6.11 8.00 -3.42
N PRO A 290 -6.44 6.98 -2.64
CA PRO A 290 -5.54 6.54 -1.62
C PRO A 290 -4.11 6.58 -2.15
N LEU A 291 -3.23 7.21 -1.38
CA LEU A 291 -1.85 7.28 -1.72
C LEU A 291 -1.13 6.07 -1.12
N LEU A 292 -0.91 5.06 -1.94
CA LEU A 292 -0.21 3.85 -1.51
C LEU A 292 1.15 3.71 -2.19
N GLN A 293 2.22 3.70 -1.41
CA GLN A 293 3.55 3.39 -1.95
C GLN A 293 3.78 1.88 -1.93
N SER A 294 2.78 1.12 -1.49
CA SER A 294 2.87 -0.33 -1.50
C SER A 294 1.55 -0.99 -1.13
N GLU A 295 1.50 -2.30 -1.27
CA GLU A 295 0.30 -3.08 -0.99
C GLU A 295 -0.11 -2.95 0.48
N GLU A 296 0.88 -3.04 1.38
CA GLU A 296 0.63 -3.01 2.82
C GLU A 296 0.63 -1.60 3.37
N ASP A 297 0.67 -0.59 2.49
CA ASP A 297 0.72 0.79 2.95
C ASP A 297 -0.45 1.13 3.86
N VAL A 298 -0.15 1.47 5.11
CA VAL A 298 -1.22 1.79 6.05
C VAL A 298 -1.33 3.27 6.41
N SER A 299 -0.71 4.14 5.63
CA SER A 299 -0.73 5.55 6.03
C SER A 299 -2.13 6.18 5.86
N GLN A 300 -3.15 5.35 5.72
CA GLN A 300 -4.51 5.83 5.62
C GLN A 300 -5.25 5.57 6.92
N PHE A 301 -4.70 4.68 7.75
CA PHE A 301 -5.20 4.42 9.09
C PHE A 301 -4.52 5.26 10.17
N ASP A 302 -4.62 4.78 11.40
CA ASP A 302 -4.38 5.59 12.57
C ASP A 302 -3.32 4.99 13.50
N SER A 303 -2.07 5.45 13.36
CA SER A 303 -0.96 4.95 14.17
C SER A 303 -1.13 4.82 15.70
N LYS A 304 -2.22 5.35 16.22
CA LYS A 304 -2.89 4.91 17.42
C LYS A 304 -2.97 3.39 17.38
N PHE A 305 -3.35 2.83 16.25
CA PHE A 305 -3.36 1.39 16.06
C PHE A 305 -2.10 0.85 15.39
N THR A 306 -1.68 1.48 14.30
CA THR A 306 -0.59 0.94 13.50
C THR A 306 0.75 0.88 14.24
N ARG A 307 0.91 1.75 15.23
CA ARG A 307 2.14 1.77 16.04
C ARG A 307 2.34 0.46 16.79
N GLN A 308 1.28 -0.06 17.38
CA GLN A 308 1.40 -1.20 18.28
C GLN A 308 1.92 -2.45 17.60
N TPO A 309 2.63 -3.28 18.37
CA TPO A 309 3.07 -4.58 17.88
CB TPO A 309 4.16 -5.15 18.80
CG2 TPO A 309 4.84 -6.38 18.21
OG1 TPO A 309 5.14 -4.13 19.03
P TPO A 309 5.66 -3.81 20.51
O1P TPO A 309 5.27 -2.36 20.72
O2P TPO A 309 7.14 -4.06 20.39
O3P TPO A 309 4.92 -4.79 21.40
C TPO A 309 1.90 -5.53 17.79
O TPO A 309 1.09 -5.65 18.72
N PRO A 310 1.79 -6.23 16.66
CA PRO A 310 0.68 -7.14 16.41
C PRO A 310 0.82 -8.50 17.12
N VAL A 311 0.07 -8.70 18.19
CA VAL A 311 0.09 -9.98 18.89
C VAL A 311 -1.25 -10.69 18.95
N ASP A 312 -1.23 -12.00 18.70
CA ASP A 312 -2.41 -12.85 18.81
C ASP A 312 -2.25 -13.81 19.98
N SEP A 313 -2.79 -13.44 21.15
CA SEP A 313 -2.75 -14.32 22.32
CB SEP A 313 -3.04 -13.56 23.62
OG SEP A 313 -4.05 -12.57 23.49
C SEP A 313 -3.70 -15.52 22.16
O SEP A 313 -4.75 -15.39 21.54
P SEP A 313 -5.50 -13.17 23.12
O1P SEP A 313 -6.65 -12.09 23.47
O2P SEP A 313 -5.74 -14.52 23.98
O3P SEP A 313 -5.59 -13.51 21.56
N PRO A 314 -3.32 -16.68 22.71
CA PRO A 314 -4.15 -17.89 22.67
C PRO A 314 -4.81 -18.20 24.00
N ASN A 324 -18.08 -28.14 22.73
CA ASN A 324 -19.47 -27.98 22.34
C ASN A 324 -19.75 -26.64 21.67
N GLN A 325 -18.81 -26.18 20.86
CA GLN A 325 -19.01 -24.91 20.15
C GLN A 325 -20.28 -24.97 19.26
N VAL A 326 -20.70 -23.81 18.76
CA VAL A 326 -21.97 -23.70 18.03
C VAL A 326 -21.80 -23.22 16.60
N PHE A 327 -20.55 -23.04 16.18
CA PHE A 327 -20.24 -22.41 14.90
C PHE A 327 -19.94 -23.43 13.81
N LEU A 328 -20.97 -24.17 13.44
CA LEU A 328 -20.86 -25.30 12.52
C LEU A 328 -20.46 -24.86 11.10
N GLY A 329 -19.71 -25.70 10.40
CA GLY A 329 -19.23 -25.35 9.07
C GLY A 329 -19.13 -23.84 8.92
N PHE A 330 -18.32 -23.21 9.76
CA PHE A 330 -18.06 -21.77 9.69
C PHE A 330 -17.00 -21.50 8.61
N GLU A 331 -16.07 -22.43 8.48
CA GLU A 331 -14.99 -22.30 7.50
C GLU A 331 -15.54 -21.94 6.12
N TYR A 332 -14.73 -21.24 5.34
CA TYR A 332 -15.15 -20.80 4.01
C TYR A 332 -13.94 -20.50 3.14
N VAL A 333 -14.14 -20.66 1.84
CA VAL A 333 -13.06 -20.48 0.88
C VAL A 333 -13.63 -19.92 -0.43
N ALA A 334 -13.25 -18.70 -0.77
CA ALA A 334 -13.78 -18.04 -1.96
C ALA A 334 -13.45 -18.84 -3.22
N PRO A 335 -14.50 -19.26 -3.95
CA PRO A 335 -14.44 -20.21 -5.06
C PRO A 335 -13.14 -20.12 -5.89
N SER A 336 -13.26 -19.63 -7.13
CA SER A 336 -12.07 -19.44 -7.99
C SER A 336 -11.10 -18.43 -7.35
N VAL A 337 -9.95 -18.92 -6.90
CA VAL A 337 -8.98 -18.11 -6.15
C VAL A 337 -9.06 -18.43 -4.66
N LYS B 4 19.34 -27.90 7.49
CA LYS B 4 20.10 -26.63 7.70
C LYS B 4 20.90 -26.28 6.44
N ILE B 5 21.33 -25.03 6.36
CA ILE B 5 21.88 -24.48 5.10
C ILE B 5 23.40 -24.24 5.11
N ARG B 6 24.04 -24.46 3.97
CA ARG B 6 25.46 -24.15 3.81
C ARG B 6 25.92 -23.92 2.37
N PRO B 7 27.18 -23.49 2.21
CA PRO B 7 27.81 -23.21 0.93
C PRO B 7 27.75 -24.42 0.03
N GLU B 8 27.79 -25.59 0.66
CA GLU B 8 27.72 -26.85 -0.06
C GLU B 8 26.36 -27.07 -0.69
N CYS B 9 25.31 -26.42 -0.16
CA CYS B 9 23.96 -26.54 -0.72
C CYS B 9 23.95 -26.03 -2.17
N PHE B 10 24.77 -25.03 -2.43
CA PHE B 10 24.73 -24.32 -3.70
C PHE B 10 25.92 -24.68 -4.58
N GLU B 11 25.72 -24.62 -5.88
CA GLU B 11 26.80 -24.89 -6.82
C GLU B 11 27.10 -23.67 -7.69
N LEU B 12 28.27 -23.10 -7.46
CA LEU B 12 28.74 -21.92 -8.21
C LEU B 12 28.66 -22.13 -9.71
N LEU B 13 28.02 -21.20 -10.40
CA LEU B 13 27.73 -21.35 -11.82
C LEU B 13 28.37 -20.29 -12.69
N ARG B 14 28.55 -19.10 -12.13
CA ARG B 14 29.25 -18.02 -12.82
C ARG B 14 29.65 -16.98 -11.82
N VAL B 15 30.49 -16.05 -12.25
CA VAL B 15 30.82 -14.88 -11.45
C VAL B 15 30.10 -13.69 -12.04
N LEU B 16 29.28 -13.03 -11.23
CA LEU B 16 28.52 -11.87 -11.72
C LEU B 16 29.16 -10.54 -11.31
N GLY B 17 30.27 -10.60 -10.58
CA GLY B 17 30.95 -9.37 -10.16
C GLY B 17 31.72 -9.53 -8.87
N LYS B 18 32.85 -8.84 -8.73
CA LYS B 18 33.63 -8.91 -7.51
C LYS B 18 34.21 -7.57 -7.10
N GLY B 19 34.28 -7.34 -5.79
CA GLY B 19 34.90 -6.14 -5.26
C GLY B 19 36.09 -6.52 -4.40
N GLY B 20 36.47 -5.63 -3.50
CA GLY B 20 37.52 -5.91 -2.51
C GLY B 20 36.96 -6.66 -1.32
N TYR B 21 35.64 -6.74 -1.24
CA TYR B 21 34.95 -7.41 -0.13
C TYR B 21 34.53 -8.83 -0.46
N GLY B 22 34.63 -9.20 -1.73
CA GLY B 22 34.19 -10.53 -2.16
C GLY B 22 33.52 -10.47 -3.52
N LYS B 23 32.52 -11.33 -3.73
CA LYS B 23 31.91 -11.42 -5.04
C LYS B 23 30.45 -11.85 -5.03
N VAL B 24 29.85 -11.87 -6.20
CA VAL B 24 28.49 -12.33 -6.31
C VAL B 24 28.40 -13.37 -7.38
N PHE B 25 27.92 -14.54 -6.98
CA PHE B 25 27.83 -15.67 -7.87
C PHE B 25 26.40 -15.93 -8.28
N GLN B 26 26.24 -16.46 -9.48
CA GLN B 26 25.01 -17.11 -9.86
C GLN B 26 25.20 -18.55 -9.47
N VAL B 27 24.34 -19.06 -8.59
CA VAL B 27 24.50 -20.42 -8.10
C VAL B 27 23.19 -21.22 -8.23
N ARG B 28 23.27 -22.54 -8.06
CA ARG B 28 22.11 -23.41 -8.17
C ARG B 28 21.89 -24.31 -6.96
N LYS B 29 20.77 -24.09 -6.28
CA LYS B 29 20.34 -24.93 -5.17
C LYS B 29 20.26 -26.39 -5.62
N VAL B 30 20.86 -27.29 -4.84
CA VAL B 30 20.75 -28.71 -5.16
C VAL B 30 20.04 -29.65 -4.19
N THR B 31 19.64 -29.14 -3.03
CA THR B 31 19.50 -29.82 -1.74
C THR B 31 18.28 -29.37 -0.93
N GLY B 32 17.16 -30.04 -1.16
CA GLY B 32 15.90 -29.72 -0.48
C GLY B 32 14.64 -29.70 -1.32
N ALA B 33 13.72 -28.78 -1.01
CA ALA B 33 12.73 -28.21 -1.91
C ALA B 33 13.46 -27.14 -2.72
N ASN B 34 13.10 -27.00 -3.99
CA ASN B 34 13.70 -25.95 -4.81
C ASN B 34 15.05 -26.33 -5.42
N THR B 35 15.46 -27.58 -5.25
CA THR B 35 16.63 -28.07 -5.96
C THR B 35 16.47 -27.68 -7.43
N GLY B 36 17.46 -26.98 -7.99
CA GLY B 36 17.40 -26.58 -9.38
C GLY B 36 17.06 -25.12 -9.63
N LYS B 37 16.54 -24.43 -8.62
CA LYS B 37 16.23 -23.02 -8.77
C LYS B 37 17.49 -22.14 -8.74
N ILE B 38 17.61 -21.23 -9.70
CA ILE B 38 18.75 -20.34 -9.75
C ILE B 38 18.58 -19.16 -8.80
N PHE B 39 19.58 -18.94 -7.94
CA PHE B 39 19.61 -17.78 -7.07
C PHE B 39 20.83 -16.91 -7.35
N ALA B 40 21.11 -15.99 -6.44
CA ALA B 40 22.35 -15.22 -6.50
C ALA B 40 22.95 -15.29 -5.11
N MET B 41 24.26 -15.50 -5.04
CA MET B 41 24.93 -15.70 -3.76
C MET B 41 26.02 -14.68 -3.56
N LYS B 42 25.75 -13.68 -2.73
CA LYS B 42 26.75 -12.69 -2.40
C LYS B 42 27.67 -13.20 -1.28
N VAL B 43 28.98 -13.18 -1.52
CA VAL B 43 29.94 -13.63 -0.51
C VAL B 43 30.79 -12.50 0.10
N LEU B 44 30.62 -12.27 1.39
CA LEU B 44 31.32 -11.18 2.08
C LEU B 44 32.43 -11.65 3.01
N LYS B 45 33.53 -10.89 3.07
CA LYS B 45 34.70 -11.28 3.88
C LYS B 45 34.64 -10.73 5.31
N LYS B 46 34.30 -11.60 6.25
CA LYS B 46 34.20 -11.18 7.64
C LYS B 46 35.47 -10.43 8.04
N ALA B 47 36.62 -10.99 7.70
CA ALA B 47 37.90 -10.36 7.99
C ALA B 47 37.86 -8.86 7.70
N MET B 48 37.46 -8.51 6.49
CA MET B 48 37.46 -7.12 6.08
C MET B 48 36.41 -6.24 6.74
N ILE B 49 35.40 -6.88 7.29
CA ILE B 49 34.23 -6.20 7.82
C ILE B 49 34.57 -5.74 9.25
N VAL B 50 34.57 -6.66 10.22
CA VAL B 50 34.86 -6.28 11.60
C VAL B 50 36.18 -5.55 11.83
N ARG B 51 36.99 -5.53 10.78
CA ARG B 51 38.16 -4.66 10.68
C ARG B 51 37.77 -3.29 11.20
N ASN B 52 36.52 -2.89 10.97
CA ASN B 52 36.11 -1.50 11.12
C ASN B 52 34.64 -1.29 11.51
N ALA B 53 34.43 -0.48 12.56
CA ALA B 53 33.11 -0.23 13.16
C ALA B 53 32.00 0.22 12.20
N LYS B 54 32.24 1.30 11.47
CA LYS B 54 31.20 1.82 10.58
C LYS B 54 30.72 0.82 9.53
N ASP B 55 31.56 -0.14 9.16
CA ASP B 55 31.12 -1.22 8.29
C ASP B 55 30.40 -2.49 8.67
N THR B 56 30.86 -3.14 9.73
CA THR B 56 30.25 -4.39 10.12
C THR B 56 28.82 -3.88 10.33
N ALA B 57 28.70 -2.67 10.88
CA ALA B 57 27.38 -2.06 11.14
C ALA B 57 26.57 -1.96 9.87
N HIS B 58 27.07 -1.19 8.91
CA HIS B 58 26.46 -1.07 7.60
C HIS B 58 25.98 -2.44 7.12
N THR B 59 26.86 -3.43 7.12
CA THR B 59 26.49 -4.79 6.73
C THR B 59 25.29 -5.28 7.53
N LYS B 60 25.28 -4.99 8.82
CA LYS B 60 24.20 -5.43 9.66
C LYS B 60 22.92 -4.84 9.12
N ALA B 61 22.95 -3.54 8.86
CA ALA B 61 21.76 -2.85 8.39
C ALA B 61 21.23 -3.52 7.12
N GLU B 62 22.13 -3.84 6.19
CA GLU B 62 21.74 -4.58 5.02
C GLU B 62 20.96 -5.81 5.44
N ARG B 63 21.63 -6.68 6.18
CA ARG B 63 20.98 -7.90 6.68
C ARG B 63 19.57 -7.69 7.22
N ASN B 64 19.39 -6.65 8.03
CA ASN B 64 18.11 -6.41 8.68
C ASN B 64 17.10 -5.70 7.80
N ILE B 65 17.60 -4.88 6.87
CA ILE B 65 16.72 -4.19 5.95
C ILE B 65 16.09 -5.17 4.98
N LEU B 66 16.91 -6.08 4.44
CA LEU B 66 16.40 -7.07 3.49
C LEU B 66 15.38 -7.97 4.17
N GLU B 67 15.75 -8.56 5.29
CA GLU B 67 14.79 -9.32 6.06
C GLU B 67 13.52 -8.51 6.20
N GLU B 68 13.63 -7.33 6.80
CA GLU B 68 12.47 -6.53 7.17
C GLU B 68 11.56 -6.23 5.97
N VAL B 69 12.16 -5.92 4.83
CA VAL B 69 11.44 -5.32 3.70
C VAL B 69 11.12 -6.28 2.55
N LYS B 70 9.88 -6.20 2.10
CA LYS B 70 9.37 -7.04 1.02
C LYS B 70 8.57 -6.16 0.08
N HIS B 71 9.07 -6.00 -1.14
CA HIS B 71 8.48 -5.06 -2.07
C HIS B 71 8.77 -5.46 -3.50
N PRO B 72 7.77 -5.34 -4.38
CA PRO B 72 8.09 -5.74 -5.75
C PRO B 72 9.41 -5.14 -6.28
N PHE B 73 9.73 -3.92 -5.88
CA PHE B 73 10.88 -3.23 -6.49
C PHE B 73 12.13 -3.19 -5.60
N ILE B 74 12.18 -4.05 -4.60
CA ILE B 74 13.38 -4.16 -3.81
C ILE B 74 13.84 -5.58 -3.81
N VAL B 75 15.14 -5.80 -3.90
CA VAL B 75 15.61 -7.18 -4.04
C VAL B 75 15.28 -8.02 -2.82
N ASP B 76 14.76 -9.21 -3.08
CA ASP B 76 14.34 -10.10 -2.01
C ASP B 76 15.49 -10.93 -1.48
N LEU B 77 15.43 -11.23 -0.19
CA LEU B 77 16.46 -12.01 0.48
C LEU B 77 15.95 -13.41 0.79
N ILE B 78 16.57 -14.43 0.21
CA ILE B 78 16.17 -15.81 0.51
C ILE B 78 16.84 -16.44 1.74
N TYR B 79 18.17 -16.54 1.72
CA TYR B 79 18.86 -17.14 2.85
C TYR B 79 20.01 -16.29 3.34
N ALA B 80 20.23 -16.33 4.64
CA ALA B 80 21.40 -15.70 5.22
C ALA B 80 22.14 -16.70 6.11
N PHE B 81 23.43 -16.85 5.84
CA PHE B 81 24.28 -17.65 6.70
C PHE B 81 25.73 -17.21 6.61
N GLN B 82 26.62 -17.97 7.26
CA GLN B 82 27.99 -17.52 7.51
C GLN B 82 28.89 -18.68 7.87
N THR B 83 29.96 -18.90 7.10
CA THR B 83 31.01 -19.79 7.57
C THR B 83 31.91 -19.00 8.49
N GLY B 84 32.81 -19.71 9.17
CA GLY B 84 33.76 -19.06 10.05
C GLY B 84 34.33 -17.86 9.33
N GLY B 85 34.68 -18.05 8.07
CA GLY B 85 35.35 -17.01 7.28
C GLY B 85 34.46 -15.94 6.66
N LYS B 86 33.33 -16.35 6.10
CA LYS B 86 32.55 -15.45 5.25
C LYS B 86 31.08 -15.33 5.64
N LEU B 87 30.46 -14.24 5.20
CA LEU B 87 29.01 -14.06 5.30
C LEU B 87 28.42 -14.39 3.95
N TYR B 88 27.24 -14.99 3.96
CA TYR B 88 26.55 -15.37 2.73
C TYR B 88 25.14 -14.78 2.61
N LEU B 89 24.82 -14.29 1.42
CA LEU B 89 23.45 -13.89 1.11
C LEU B 89 23.02 -14.58 -0.16
N ILE B 90 21.93 -15.34 -0.06
CA ILE B 90 21.25 -15.86 -1.23
C ILE B 90 20.09 -14.92 -1.55
N LEU B 91 20.13 -14.34 -2.75
CA LEU B 91 19.16 -13.35 -3.18
C LEU B 91 18.37 -13.83 -4.39
N GLU B 92 17.19 -13.27 -4.61
CA GLU B 92 16.52 -13.59 -5.86
C GLU B 92 17.46 -13.24 -6.98
N TYR B 93 17.46 -14.03 -8.03
CA TYR B 93 18.42 -13.82 -9.11
C TYR B 93 17.83 -12.94 -10.22
N LEU B 94 18.43 -11.78 -10.46
CA LEU B 94 17.82 -10.77 -11.30
C LEU B 94 18.42 -10.74 -12.69
N SER B 95 17.99 -11.69 -13.52
CA SER B 95 18.64 -11.93 -14.80
C SER B 95 18.72 -10.71 -15.70
N GLY B 96 18.07 -9.62 -15.33
CA GLY B 96 18.03 -8.43 -16.19
C GLY B 96 19.27 -7.55 -16.11
N GLY B 97 20.12 -7.82 -15.13
CA GLY B 97 21.31 -7.03 -14.90
C GLY B 97 21.07 -5.61 -14.41
N GLU B 98 22.12 -4.82 -14.42
CA GLU B 98 22.07 -3.45 -13.98
C GLU B 98 21.40 -2.52 -15.00
N LEU B 99 20.69 -1.51 -14.49
CA LEU B 99 20.17 -0.47 -15.33
C LEU B 99 21.30 0.16 -16.14
N PHE B 100 22.45 0.39 -15.52
CA PHE B 100 23.62 0.98 -16.18
C PHE B 100 23.82 0.38 -17.56
N MET B 101 23.88 -0.94 -17.61
CA MET B 101 24.05 -1.67 -18.87
C MET B 101 22.92 -1.40 -19.83
N GLN B 102 21.75 -1.05 -19.32
CA GLN B 102 20.66 -0.76 -20.23
C GLN B 102 20.94 0.58 -20.86
N LEU B 103 21.34 1.53 -20.03
CA LEU B 103 21.72 2.80 -20.56
C LEU B 103 22.92 2.64 -21.50
N GLU B 104 23.92 1.91 -21.04
CA GLU B 104 25.05 1.64 -21.88
C GLU B 104 24.56 1.09 -23.22
N ARG B 105 23.70 0.07 -23.19
CA ARG B 105 23.24 -0.60 -24.40
C ARG B 105 22.15 0.10 -25.19
N GLU B 106 21.78 1.32 -24.83
CA GLU B 106 20.71 2.00 -25.56
C GLU B 106 20.93 3.50 -25.61
N GLY B 107 22.06 3.93 -25.04
CA GLY B 107 22.49 5.32 -25.14
C GLY B 107 21.69 6.34 -24.35
N ILE B 108 20.44 6.55 -24.74
CA ILE B 108 19.63 7.57 -24.10
C ILE B 108 18.17 7.23 -24.17
N PHE B 109 17.43 7.53 -23.11
CA PHE B 109 16.05 7.09 -23.01
C PHE B 109 15.07 8.11 -23.55
N MET B 110 14.12 7.60 -24.32
CA MET B 110 12.95 8.36 -24.66
C MET B 110 12.25 8.77 -23.36
N GLU B 111 11.83 10.01 -23.25
CA GLU B 111 11.11 10.43 -22.06
C GLU B 111 10.26 9.29 -21.43
N ASP B 112 9.43 8.66 -22.25
N ASP B 112 9.42 8.65 -22.22
CA ASP B 112 8.48 7.63 -21.80
CA ASP B 112 8.49 7.66 -21.65
C ASP B 112 9.13 6.37 -21.20
C ASP B 112 9.19 6.42 -21.07
N THR B 113 10.34 6.05 -21.62
CA THR B 113 11.11 4.96 -21.02
C THR B 113 11.74 5.44 -19.71
N ALA B 114 12.32 6.63 -19.73
CA ALA B 114 12.79 7.23 -18.51
C ALA B 114 11.69 7.18 -17.49
N CYS B 115 10.49 7.52 -17.92
CA CYS B 115 9.39 7.72 -16.98
C CYS B 115 8.97 6.44 -16.27
N PHE B 116 9.00 5.33 -16.99
CA PHE B 116 8.67 4.03 -16.40
C PHE B 116 9.54 3.73 -15.21
N TYR B 117 10.85 3.75 -15.40
CA TYR B 117 11.79 3.39 -14.34
C TYR B 117 11.75 4.39 -13.20
N LEU B 118 11.71 5.68 -13.51
CA LEU B 118 11.70 6.64 -12.44
C LEU B 118 10.45 6.37 -11.62
N ALA B 119 9.34 6.10 -12.30
CA ALA B 119 8.10 5.84 -11.56
C ALA B 119 8.31 4.68 -10.61
N GLU B 120 8.75 3.55 -11.15
CA GLU B 120 8.94 2.38 -10.30
C GLU B 120 9.86 2.68 -9.11
N ILE B 121 11.01 3.30 -9.38
CA ILE B 121 11.98 3.64 -8.36
C ILE B 121 11.33 4.51 -7.30
N SER B 122 10.49 5.44 -7.73
CA SER B 122 9.94 6.36 -6.78
C SER B 122 9.13 5.61 -5.75
N MET B 123 8.69 4.40 -6.08
CA MET B 123 7.90 3.62 -5.12
C MET B 123 8.79 2.91 -4.10
N ALA B 124 9.87 2.32 -4.55
CA ALA B 124 10.81 1.75 -3.60
C ALA B 124 11.19 2.82 -2.56
N LEU B 125 11.51 4.02 -3.03
CA LEU B 125 11.96 5.04 -2.12
C LEU B 125 10.83 5.38 -1.17
N GLY B 126 9.68 5.71 -1.74
CA GLY B 126 8.49 5.93 -0.95
C GLY B 126 8.41 4.87 0.14
N HIS B 127 8.39 3.62 -0.26
CA HIS B 127 8.26 2.56 0.71
C HIS B 127 9.40 2.66 1.72
N LEU B 128 10.64 2.69 1.23
CA LEU B 128 11.78 2.67 2.15
C LEU B 128 11.62 3.76 3.20
N HIS B 129 11.23 4.94 2.75
CA HIS B 129 11.19 6.10 3.62
C HIS B 129 10.23 5.94 4.79
N GLN B 130 8.99 5.58 4.49
CA GLN B 130 8.03 5.35 5.56
C GLN B 130 8.63 4.46 6.63
N LYS B 131 9.51 3.55 6.21
CA LYS B 131 10.21 2.68 7.14
C LYS B 131 11.55 3.26 7.60
N GLY B 132 11.77 4.54 7.32
CA GLY B 132 12.93 5.26 7.84
C GLY B 132 14.27 4.84 7.26
N ILE B 133 14.24 4.06 6.18
CA ILE B 133 15.47 3.71 5.49
C ILE B 133 15.83 4.71 4.40
N ILE B 134 17.09 5.07 4.30
CA ILE B 134 17.50 6.04 3.29
C ILE B 134 18.41 5.38 2.30
N TYR B 135 18.03 5.41 1.04
CA TYR B 135 18.80 4.70 0.06
C TYR B 135 20.12 5.40 -0.25
N ARG B 136 20.12 6.74 -0.22
CA ARG B 136 21.35 7.52 -0.45
C ARG B 136 21.78 7.67 -1.91
N ASP B 137 22.18 6.57 -2.55
CA ASP B 137 22.79 6.62 -3.90
C ASP B 137 22.03 5.91 -5.02
N LEU B 138 21.45 6.68 -5.94
CA LEU B 138 20.72 6.09 -7.03
C LEU B 138 21.47 6.13 -8.34
N LYS B 139 22.79 6.11 -8.30
CA LYS B 139 23.49 5.97 -9.56
C LYS B 139 22.88 4.72 -10.19
N PRO B 140 22.92 4.63 -11.53
CA PRO B 140 22.35 3.53 -12.31
C PRO B 140 22.97 2.14 -12.13
N GLU B 141 24.01 1.97 -11.32
CA GLU B 141 24.56 0.62 -11.13
C GLU B 141 23.99 -0.02 -9.88
N ASN B 142 23.35 0.81 -9.07
CA ASN B 142 22.76 0.34 -7.85
C ASN B 142 21.33 -0.05 -8.07
N ILE B 143 21.02 -0.44 -9.29
CA ILE B 143 19.63 -0.74 -9.69
C ILE B 143 19.65 -1.85 -10.70
N MET B 144 18.90 -2.90 -10.44
CA MET B 144 18.91 -4.03 -11.36
C MET B 144 17.54 -4.24 -11.96
N LEU B 145 17.42 -5.22 -12.85
CA LEU B 145 16.15 -5.53 -13.48
C LEU B 145 15.81 -7.00 -13.29
N ASN B 146 14.60 -7.30 -12.84
CA ASN B 146 14.20 -8.70 -12.71
C ASN B 146 13.88 -9.28 -14.09
N HIS B 147 13.43 -10.52 -14.13
CA HIS B 147 13.40 -11.26 -15.38
C HIS B 147 12.43 -10.62 -16.38
N GLN B 148 11.42 -9.90 -15.90
CA GLN B 148 10.47 -9.26 -16.83
C GLN B 148 10.85 -7.81 -17.09
N GLY B 149 12.00 -7.39 -16.57
CA GLY B 149 12.44 -6.04 -16.79
C GLY B 149 11.89 -5.00 -15.84
N HIS B 150 11.48 -5.42 -14.66
CA HIS B 150 11.05 -4.45 -13.64
C HIS B 150 12.23 -4.11 -12.73
N VAL B 151 12.22 -2.91 -12.17
CA VAL B 151 13.36 -2.44 -11.38
C VAL B 151 13.48 -3.14 -10.02
N LYS B 152 14.70 -3.31 -9.55
CA LYS B 152 14.93 -3.80 -8.18
C LYS B 152 16.02 -2.96 -7.56
N LEU B 153 15.80 -2.45 -6.36
CA LEU B 153 16.85 -1.75 -5.65
C LEU B 153 17.65 -2.86 -5.02
N THR B 154 18.97 -2.74 -5.07
CA THR B 154 19.83 -3.84 -4.69
C THR B 154 20.85 -3.49 -3.64
N ASP B 155 21.25 -2.24 -3.55
CA ASP B 155 22.42 -1.89 -2.72
C ASP B 155 22.12 -1.27 -1.35
N PHE B 156 22.05 -2.12 -0.32
CA PHE B 156 21.83 -1.69 1.06
C PHE B 156 23.06 -1.93 1.94
N GLY B 157 24.04 -2.66 1.43
CA GLY B 157 25.26 -2.93 2.19
C GLY B 157 26.41 -2.01 1.85
N LEU B 158 27.61 -2.60 1.80
CA LEU B 158 28.82 -1.91 1.39
C LEU B 158 28.82 -1.66 -0.11
N CYS B 159 29.95 -1.19 -0.64
CA CYS B 159 30.09 -1.02 -2.09
C CYS B 159 31.45 -1.51 -2.58
N GLY B 174 32.64 4.30 -4.49
CA GLY B 174 32.36 4.38 -5.92
C GLY B 174 32.22 5.81 -6.44
N THR B 175 31.69 5.95 -7.65
CA THR B 175 31.43 7.24 -8.29
C THR B 175 30.36 8.10 -7.56
N ILE B 176 30.69 9.37 -7.26
CA ILE B 176 29.88 10.19 -6.34
C ILE B 176 28.85 11.13 -6.98
N GLU B 177 28.67 11.04 -8.28
CA GLU B 177 27.93 12.05 -9.04
C GLU B 177 26.42 12.17 -8.83
N TYR B 178 25.74 11.11 -8.39
CA TYR B 178 24.30 11.20 -8.14
C TYR B 178 23.97 11.47 -6.67
N MET B 179 24.98 11.80 -5.86
CA MET B 179 24.75 12.04 -4.44
C MET B 179 24.53 13.50 -4.10
N ALA B 180 23.73 13.74 -3.06
CA ALA B 180 23.32 15.08 -2.70
C ALA B 180 24.48 15.88 -2.08
N PRO B 181 24.48 17.21 -2.27
CA PRO B 181 25.55 17.99 -1.69
C PRO B 181 25.61 17.71 -0.21
N GLU B 182 24.47 17.88 0.46
CA GLU B 182 24.42 17.77 1.92
C GLU B 182 24.90 16.40 2.40
N ILE B 183 25.00 15.45 1.48
CA ILE B 183 25.62 14.16 1.79
C ILE B 183 27.15 14.25 1.72
N LEU B 184 27.67 14.69 0.59
CA LEU B 184 29.11 14.90 0.42
C LEU B 184 29.69 15.82 1.50
N MET B 185 28.83 16.57 2.18
CA MET B 185 29.29 17.53 3.19
C MET B 185 28.95 17.11 4.62
N ARG B 186 28.51 15.87 4.78
CA ARG B 186 28.23 15.36 6.11
C ARG B 186 27.69 16.52 6.93
N SER B 187 26.78 17.28 6.31
CA SER B 187 26.19 18.45 6.96
C SER B 187 24.99 18.11 7.85
N GLY B 188 24.43 16.91 7.66
CA GLY B 188 23.18 16.53 8.32
C GLY B 188 22.11 16.39 7.26
N HIS B 189 21.37 15.28 7.27
CA HIS B 189 20.42 15.04 6.18
C HIS B 189 19.16 14.23 6.53
N ASN B 190 18.37 13.94 5.50
CA ASN B 190 17.18 13.12 5.66
C ASN B 190 16.73 12.58 4.32
N ARG B 191 15.59 11.89 4.32
CA ARG B 191 15.09 11.24 3.14
C ARG B 191 15.20 12.17 1.93
N ALA B 192 15.32 13.46 2.18
CA ALA B 192 15.25 14.40 1.07
C ALA B 192 16.46 14.30 0.15
N VAL B 193 17.42 13.45 0.49
CA VAL B 193 18.62 13.28 -0.33
C VAL B 193 18.36 12.31 -1.48
N ASP B 194 17.43 11.39 -1.28
CA ASP B 194 17.04 10.43 -2.31
C ASP B 194 16.34 11.10 -3.49
N TRP B 195 15.52 12.12 -3.23
CA TRP B 195 14.81 12.78 -4.32
C TRP B 195 15.74 13.59 -5.24
N TRP B 196 16.94 13.88 -4.76
CA TRP B 196 17.96 14.56 -5.53
C TRP B 196 18.50 13.53 -6.47
N SER B 197 19.12 12.52 -5.86
CA SER B 197 19.68 11.44 -6.61
C SER B 197 18.73 11.09 -7.77
N LEU B 198 17.43 11.06 -7.49
CA LEU B 198 16.48 10.67 -8.51
C LEU B 198 16.56 11.68 -9.63
N GLY B 199 16.75 12.95 -9.27
CA GLY B 199 16.98 13.99 -10.28
C GLY B 199 18.21 13.63 -11.11
N ALA B 200 19.32 13.43 -10.43
CA ALA B 200 20.54 12.99 -11.09
C ALA B 200 20.24 11.80 -11.99
N LEU B 201 19.54 10.80 -11.47
CA LEU B 201 19.31 9.59 -12.23
C LEU B 201 18.61 9.96 -13.49
N MET B 202 17.60 10.80 -13.31
CA MET B 202 16.78 11.21 -14.42
C MET B 202 17.68 11.91 -15.41
N TYR B 203 18.32 12.98 -14.96
CA TYR B 203 19.09 13.82 -15.85
C TYR B 203 19.94 12.93 -16.75
N ASP B 204 20.50 11.89 -16.14
CA ASP B 204 21.44 11.06 -16.86
C ASP B 204 20.72 10.19 -17.88
N MET B 205 19.60 9.61 -17.44
CA MET B 205 18.73 8.84 -18.31
C MET B 205 18.39 9.63 -19.58
N LEU B 206 18.00 10.87 -19.37
CA LEU B 206 17.52 11.65 -20.46
C LEU B 206 18.64 12.23 -21.28
N THR B 207 19.74 12.59 -20.65
CA THR B 207 20.71 13.36 -21.41
C THR B 207 21.95 12.58 -21.77
N GLY B 208 22.06 11.35 -21.29
CA GLY B 208 23.24 10.55 -21.58
C GLY B 208 24.42 10.81 -20.66
N ALA B 209 24.27 11.72 -19.70
CA ALA B 209 25.29 11.95 -18.69
C ALA B 209 24.69 12.52 -17.42
N PRO B 210 25.43 12.40 -16.32
CA PRO B 210 24.98 12.96 -15.05
C PRO B 210 25.04 14.47 -15.11
N PRO B 211 24.37 15.14 -14.18
CA PRO B 211 24.13 16.58 -14.22
C PRO B 211 25.28 17.45 -13.73
N PHE B 212 26.23 16.87 -13.01
CA PHE B 212 27.37 17.65 -12.51
C PHE B 212 28.67 16.88 -12.59
N THR B 213 29.12 16.59 -13.80
CA THR B 213 30.31 15.75 -14.00
C THR B 213 31.60 16.48 -13.64
N GLY B 214 32.63 15.71 -13.30
CA GLY B 214 33.95 16.27 -13.02
C GLY B 214 35.03 15.24 -13.25
N GLU B 215 36.19 15.68 -13.75
CA GLU B 215 37.28 14.75 -13.98
C GLU B 215 37.75 14.14 -12.67
N ASN B 216 37.67 14.94 -11.59
CA ASN B 216 37.96 14.46 -10.23
C ASN B 216 36.84 14.77 -9.24
N ARG B 217 37.05 14.48 -7.97
CA ARG B 217 36.03 14.72 -6.96
C ARG B 217 35.66 15.93 -6.10
N LYS B 218 36.66 16.56 -5.50
CA LYS B 218 36.63 17.93 -5.00
C LYS B 218 36.03 18.87 -6.04
N LYS B 219 36.27 18.54 -7.31
CA LYS B 219 35.85 19.41 -8.40
C LYS B 219 34.43 19.14 -8.87
N THR B 220 33.96 17.91 -8.64
CA THR B 220 32.56 17.59 -8.87
C THR B 220 31.74 18.15 -7.73
N ILE B 221 32.25 17.96 -6.52
CA ILE B 221 31.70 18.59 -5.32
C ILE B 221 31.54 20.08 -5.53
N ASP B 222 32.61 20.75 -5.93
CA ASP B 222 32.51 22.17 -6.25
C ASP B 222 31.31 22.40 -7.14
N LYS B 223 31.17 21.55 -8.16
CA LYS B 223 30.14 21.71 -9.17
C LYS B 223 28.74 21.50 -8.61
N ILE B 224 28.53 20.37 -7.94
CA ILE B 224 27.22 20.12 -7.37
C ILE B 224 26.69 21.37 -6.67
N LEU B 225 27.56 22.03 -5.89
CA LEU B 225 27.19 23.28 -5.24
C LEU B 225 27.19 24.46 -6.21
N LYS B 226 28.39 24.93 -6.57
CA LYS B 226 28.59 26.11 -7.43
C LYS B 226 27.71 26.14 -8.70
N CYS B 227 28.00 25.22 -9.62
CA CYS B 227 27.46 25.21 -11.00
C CYS B 227 25.92 25.22 -11.12
N LYS B 228 25.42 26.12 -11.96
CA LYS B 228 24.00 26.12 -12.30
C LYS B 228 23.68 24.79 -13.00
N LEU B 229 22.40 24.48 -13.15
CA LEU B 229 21.98 23.26 -13.83
C LEU B 229 21.62 23.54 -15.28
N ASN B 230 22.37 22.94 -16.20
CA ASN B 230 22.16 23.15 -17.64
C ASN B 230 21.09 22.22 -18.20
N LEU B 231 19.97 22.79 -18.64
CA LEU B 231 18.89 22.00 -19.21
C LEU B 231 18.87 22.05 -20.75
N PRO B 232 19.12 20.91 -21.39
CA PRO B 232 19.11 20.83 -22.84
C PRO B 232 17.68 21.03 -23.33
N PRO B 233 17.53 21.43 -24.59
CA PRO B 233 16.25 21.84 -25.12
C PRO B 233 15.47 20.73 -25.80
N TYR B 234 15.94 19.49 -25.70
CA TYR B 234 15.15 18.38 -26.21
C TYR B 234 14.28 17.78 -25.11
N LEU B 235 14.39 18.32 -23.90
CA LEU B 235 13.56 17.90 -22.79
C LEU B 235 12.17 18.47 -22.99
N THR B 236 11.18 17.77 -22.48
CA THR B 236 9.83 18.28 -22.51
C THR B 236 9.69 19.30 -21.40
N GLN B 237 8.56 20.00 -21.36
CA GLN B 237 8.34 21.02 -20.34
C GLN B 237 8.12 20.40 -18.96
N GLU B 238 7.73 19.11 -18.93
CA GLU B 238 7.53 18.43 -17.65
C GLU B 238 8.86 17.91 -17.11
N ALA B 239 9.67 17.32 -17.97
CA ALA B 239 10.96 16.87 -17.53
C ALA B 239 11.96 17.91 -17.04
N ARG B 240 12.09 18.99 -17.81
CA ARG B 240 12.69 20.23 -17.36
C ARG B 240 12.22 20.63 -15.96
N ASP B 241 10.90 20.78 -15.80
CA ASP B 241 10.34 21.19 -14.52
C ASP B 241 10.76 20.24 -13.39
N LEU B 242 10.46 18.95 -13.53
CA LEU B 242 10.74 18.04 -12.45
C LEU B 242 12.21 18.12 -12.08
N LEU B 243 13.06 18.10 -13.09
CA LEU B 243 14.48 18.17 -12.85
C LEU B 243 14.83 19.35 -11.96
N LYS B 244 14.25 20.51 -12.27
CA LYS B 244 14.57 21.71 -11.52
C LYS B 244 14.10 21.63 -10.07
N LYS B 245 13.03 20.88 -9.84
CA LYS B 245 12.50 20.74 -8.49
C LYS B 245 13.08 19.56 -7.73
N LEU B 246 13.81 18.69 -8.41
CA LEU B 246 14.47 17.59 -7.73
C LEU B 246 15.90 18.01 -7.41
N LEU B 247 16.58 18.61 -8.38
CA LEU B 247 17.94 19.09 -8.18
C LEU B 247 17.98 20.54 -7.67
N LYS B 248 17.91 20.68 -6.35
CA LYS B 248 18.01 21.96 -5.67
C LYS B 248 18.97 21.80 -4.50
N ARG B 249 19.89 22.74 -4.35
CA ARG B 249 20.92 22.64 -3.31
C ARG B 249 20.29 22.65 -1.91
N ASN B 250 19.08 23.18 -1.83
CA ASN B 250 18.43 23.35 -0.55
C ASN B 250 17.64 22.04 -0.53
N ALA B 251 17.90 21.24 0.49
CA ALA B 251 17.05 20.12 0.88
C ALA B 251 15.60 20.57 1.02
N ALA B 252 15.31 21.39 2.04
CA ALA B 252 13.93 21.78 2.30
C ALA B 252 13.09 22.02 1.04
N SER B 253 13.68 22.65 0.03
CA SER B 253 12.93 23.12 -1.12
C SER B 253 12.84 22.10 -2.24
N ARG B 254 13.44 20.93 -2.05
CA ARG B 254 13.35 19.86 -3.03
C ARG B 254 11.95 19.31 -3.06
N LEU B 255 11.42 19.10 -4.27
CA LEU B 255 10.16 18.41 -4.42
C LEU B 255 10.33 17.03 -3.84
N GLY B 256 9.45 16.62 -2.96
CA GLY B 256 9.59 15.30 -2.34
C GLY B 256 10.03 15.38 -0.89
N ALA B 257 10.48 16.55 -0.47
CA ALA B 257 10.95 16.77 0.90
C ALA B 257 9.83 17.07 1.91
N GLY B 258 8.63 17.38 1.43
CA GLY B 258 7.51 17.70 2.33
C GLY B 258 6.86 16.49 2.96
N PRO B 259 5.81 16.71 3.74
CA PRO B 259 5.09 15.62 4.41
C PRO B 259 4.61 14.57 3.42
N GLY B 260 4.42 14.97 2.16
CA GLY B 260 3.87 14.08 1.12
C GLY B 260 4.89 13.09 0.56
N ASP B 261 6.16 13.42 0.76
CA ASP B 261 7.25 12.57 0.32
C ASP B 261 6.97 12.11 -1.11
N ALA B 262 7.02 10.80 -1.32
CA ALA B 262 6.85 10.22 -2.63
C ALA B 262 5.61 10.79 -3.34
N GLY B 263 4.54 11.02 -2.58
CA GLY B 263 3.31 11.54 -3.12
C GLY B 263 3.54 12.89 -3.79
N GLU B 264 4.39 13.71 -3.21
CA GLU B 264 4.70 15.00 -3.81
C GLU B 264 5.35 14.77 -5.17
N VAL B 265 6.42 13.99 -5.18
CA VAL B 265 7.13 13.73 -6.44
C VAL B 265 6.20 13.16 -7.50
N GLN B 266 5.33 12.27 -7.08
CA GLN B 266 4.53 11.51 -8.03
C GLN B 266 3.37 12.30 -8.62
N ALA B 267 2.90 13.31 -7.91
CA ALA B 267 1.78 14.10 -8.38
C ALA B 267 2.21 14.93 -9.59
N HIS B 268 3.52 14.92 -9.90
CA HIS B 268 4.02 15.75 -10.99
C HIS B 268 3.48 15.35 -12.34
N PRO B 269 3.25 16.35 -13.20
CA PRO B 269 2.77 16.17 -14.58
C PRO B 269 3.66 15.19 -15.35
N PHE B 270 4.95 15.18 -15.04
CA PHE B 270 5.84 14.26 -15.71
C PHE B 270 5.31 12.83 -15.55
N PHE B 271 4.53 12.59 -14.51
CA PHE B 271 3.98 11.25 -14.31
C PHE B 271 2.50 11.11 -14.71
N ARG B 272 1.97 12.15 -15.38
CA ARG B 272 0.56 12.18 -15.74
C ARG B 272 0.04 10.86 -16.29
N HIS B 273 0.78 10.25 -17.21
CA HIS B 273 0.34 9.00 -17.84
C HIS B 273 0.65 7.75 -17.03
N ILE B 274 1.08 7.91 -15.77
CA ILE B 274 1.39 6.74 -14.98
C ILE B 274 0.17 6.27 -14.21
N ASN B 275 -0.13 4.97 -14.30
CA ASN B 275 -1.20 4.39 -13.51
C ASN B 275 -0.66 3.60 -12.33
N TRP B 276 -0.55 4.26 -11.19
CA TRP B 276 0.15 3.71 -10.03
C TRP B 276 -0.35 2.35 -9.63
N GLU B 277 -1.66 2.14 -9.69
CA GLU B 277 -2.20 0.84 -9.36
C GLU B 277 -1.52 -0.26 -10.18
N GLU B 278 -1.64 -0.19 -11.49
CA GLU B 278 -1.03 -1.17 -12.39
C GLU B 278 0.50 -1.18 -12.29
N LEU B 279 1.08 -0.04 -11.93
CA LEU B 279 2.54 0.02 -11.81
C LEU B 279 2.96 -0.92 -10.69
N LEU B 280 2.45 -0.67 -9.48
CA LEU B 280 2.80 -1.48 -8.33
C LEU B 280 2.48 -2.95 -8.57
N ALA B 281 1.37 -3.19 -9.25
CA ALA B 281 0.96 -4.55 -9.62
C ALA B 281 1.92 -5.17 -10.67
N ARG B 282 2.66 -4.32 -11.38
CA ARG B 282 3.55 -4.79 -12.44
C ARG B 282 2.71 -5.26 -13.63
N LYS B 283 1.56 -4.62 -13.79
CA LYS B 283 0.75 -4.95 -14.91
C LYS B 283 1.13 -4.03 -16.04
N VAL B 284 2.16 -3.22 -15.83
CA VAL B 284 2.64 -2.37 -16.90
C VAL B 284 3.85 -2.95 -17.63
N GLU B 285 3.82 -2.87 -18.95
CA GLU B 285 4.90 -3.36 -19.78
C GLU B 285 6.14 -2.49 -19.68
N PRO B 286 7.27 -3.10 -19.28
CA PRO B 286 8.54 -2.38 -19.32
C PRO B 286 8.89 -2.05 -20.75
N PRO B 287 9.60 -0.95 -20.97
CA PRO B 287 10.04 -0.58 -22.31
C PRO B 287 11.07 -1.56 -22.87
N PHE B 288 11.69 -2.35 -22.01
CA PHE B 288 12.63 -3.35 -22.44
C PHE B 288 12.44 -4.67 -21.70
N LYS B 289 12.56 -5.78 -22.43
CA LYS B 289 12.51 -7.09 -21.83
C LYS B 289 13.77 -7.86 -22.15
N PRO B 290 14.50 -8.23 -21.10
CA PRO B 290 15.61 -9.12 -21.36
C PRO B 290 15.11 -10.26 -22.22
N LEU B 291 15.85 -10.63 -23.26
CA LEU B 291 15.51 -11.83 -24.01
C LEU B 291 16.46 -12.90 -23.52
N LEU B 292 15.91 -13.99 -22.99
CA LEU B 292 16.78 -15.00 -22.42
C LEU B 292 16.50 -16.36 -23.01
N GLN B 293 17.51 -16.95 -23.60
CA GLN B 293 17.36 -18.21 -24.27
C GLN B 293 17.45 -19.39 -23.29
N SER B 294 17.99 -19.14 -22.11
CA SER B 294 17.97 -20.18 -21.08
C SER B 294 17.76 -19.58 -19.69
N GLU B 295 17.71 -20.47 -18.70
CA GLU B 295 17.37 -20.11 -17.32
C GLU B 295 18.60 -19.56 -16.61
N GLU B 296 19.78 -19.87 -17.13
CA GLU B 296 21.00 -19.32 -16.58
C GLU B 296 21.86 -18.69 -17.68
N ASP B 297 21.21 -18.20 -18.74
CA ASP B 297 21.64 -17.15 -19.66
C ASP B 297 22.11 -15.93 -18.89
N VAL B 298 23.40 -15.62 -19.00
CA VAL B 298 23.99 -14.51 -18.26
C VAL B 298 24.26 -13.30 -19.15
N SER B 299 23.63 -13.24 -20.32
CA SER B 299 24.04 -12.26 -21.31
C SER B 299 23.83 -10.80 -20.91
N GLN B 300 23.05 -10.54 -19.87
CA GLN B 300 22.78 -9.15 -19.47
C GLN B 300 23.85 -8.62 -18.51
N PHE B 301 24.81 -9.46 -18.19
CA PHE B 301 25.93 -9.04 -17.37
C PHE B 301 27.16 -8.86 -18.23
N ASP B 302 28.29 -8.57 -17.60
CA ASP B 302 29.51 -8.22 -18.31
C ASP B 302 30.41 -9.46 -18.43
N SER B 303 30.66 -9.92 -19.64
CA SER B 303 31.56 -11.05 -19.83
C SER B 303 33.02 -10.79 -19.47
N LYS B 304 33.28 -9.59 -18.96
CA LYS B 304 34.29 -9.18 -18.01
C LYS B 304 34.29 -10.07 -16.77
N PHE B 305 33.17 -10.07 -16.05
CA PHE B 305 33.03 -10.79 -14.80
C PHE B 305 32.75 -12.29 -14.98
N THR B 306 31.92 -12.62 -15.97
CA THR B 306 31.42 -14.00 -16.14
C THR B 306 32.50 -15.03 -16.46
N ARG B 307 33.36 -14.70 -17.42
CA ARG B 307 34.38 -15.62 -17.91
C ARG B 307 35.12 -16.35 -16.78
N GLN B 308 35.22 -15.70 -15.63
CA GLN B 308 36.04 -16.20 -14.53
C GLN B 308 35.55 -17.53 -13.93
N TPO B 309 36.47 -18.48 -13.80
CA TPO B 309 36.17 -19.73 -13.12
CB TPO B 309 37.38 -20.63 -12.98
CG2 TPO B 309 37.00 -21.97 -12.34
OG1 TPO B 309 37.94 -20.86 -14.27
P TPO B 309 39.45 -20.41 -14.60
O1P TPO B 309 39.50 -18.96 -14.20
O2P TPO B 309 40.29 -21.34 -13.74
O3P TPO B 309 39.59 -20.66 -16.09
C TPO B 309 35.64 -19.40 -11.76
O TPO B 309 36.35 -18.82 -10.93
N PRO B 310 34.39 -19.75 -11.51
CA PRO B 310 33.79 -19.49 -10.22
C PRO B 310 34.56 -20.22 -9.14
N VAL B 311 34.78 -19.58 -8.00
CA VAL B 311 35.44 -20.22 -6.87
C VAL B 311 35.31 -19.39 -5.60
N ASP B 312 35.06 -20.07 -4.48
CA ASP B 312 34.96 -19.39 -3.21
C ASP B 312 36.36 -19.01 -2.69
N ASN B 324 34.50 -14.15 18.67
CA ASN B 324 34.51 -12.94 17.87
C ASN B 324 33.47 -12.97 16.74
N GLN B 325 32.21 -12.75 17.08
CA GLN B 325 31.13 -12.94 16.12
C GLN B 325 30.30 -11.83 16.75
N VAL B 326 30.30 -10.67 16.10
CA VAL B 326 29.26 -9.64 16.14
C VAL B 326 28.29 -9.86 14.99
N PHE B 327 28.19 -11.10 14.52
CA PHE B 327 27.27 -11.46 13.45
C PHE B 327 26.45 -12.70 13.82
N LEU B 328 26.06 -12.79 15.08
CA LEU B 328 25.31 -13.94 15.55
C LEU B 328 23.85 -13.85 15.12
N GLY B 329 23.18 -14.98 14.95
CA GLY B 329 21.80 -14.98 14.48
C GLY B 329 21.64 -14.28 13.14
N PHE B 330 22.71 -14.28 12.36
CA PHE B 330 22.72 -13.73 11.01
C PHE B 330 22.10 -14.74 10.06
N GLU B 331 21.76 -15.90 10.59
CA GLU B 331 21.10 -16.93 9.80
C GLU B 331 19.74 -16.43 9.39
N TYR B 332 19.20 -16.98 8.32
CA TYR B 332 17.88 -16.59 7.88
C TYR B 332 17.36 -17.49 6.78
N VAL B 333 16.07 -17.78 6.85
CA VAL B 333 15.41 -18.52 5.78
C VAL B 333 13.98 -17.98 5.67
N ALA B 334 13.68 -17.36 4.55
CA ALA B 334 12.39 -16.69 4.36
C ALA B 334 11.17 -17.58 4.66
N PRO B 335 10.02 -16.93 4.92
CA PRO B 335 8.76 -17.63 5.13
C PRO B 335 8.36 -18.40 3.88
N SER B 336 8.28 -17.69 2.75
CA SER B 336 7.96 -18.31 1.47
C SER B 336 8.58 -19.70 1.38
N VAL B 337 9.73 -19.88 2.03
CA VAL B 337 10.41 -21.17 2.07
C VAL B 337 10.24 -21.80 3.45
N1 1SK C . -14.05 -4.44 9.76
N3 1SK C . -12.62 -4.77 7.92
C4 1SK C . -13.17 -3.61 10.32
C5 1SK C . -11.97 -3.33 9.68
C6 1SK C . -11.70 -3.94 8.44
C7 1SK C . -10.50 -3.68 7.78
C8 1SK C . -9.56 -2.81 8.36
C10 1SK C . -11.04 -2.47 10.26
C15 1SK C . -14.79 -3.01 12.03
C17 1SK C . -13.69 -4.08 13.96
C20 1SK C . -15.97 -5.62 14.47
C21 1SK C . -15.97 -4.72 13.42
C22 1SK C . -15.15 -1.60 12.48
C24 1SK C . -14.60 -0.49 10.44
C26 1SK C . -16.13 0.40 11.52
F31 1SK C . -12.23 -6.49 15.92
C27 1SK C . -12.50 -5.20 15.93
F29 1SK C . -11.42 -4.51 15.60
F30 1SK C . -12.79 -4.84 17.15
C18 1SK C . -13.69 -4.98 15.02
C19 1SK C . -14.82 -5.73 15.25
CL28 1SK C . -14.74 -6.86 16.64
C16 1SK C . -14.82 -3.96 13.16
N23 1SK C . -15.70 -0.97 11.28
C25 1SK C . -15.41 0.79 10.24
N14 1SK C . -13.43 -3.03 11.51
C9 1SK C . -9.83 -2.22 9.60
C11 1SK C . -10.22 -4.30 6.44
N13 1SK C . -11.07 -5.17 5.92
O12 1SK C . -9.23 -3.96 5.82
C2 1SK C . -13.77 -5.00 8.57
N1 1SK D . 24.14 -7.18 -5.29
N3 1SK D . 22.50 -8.68 -6.06
C4 1SK D . 24.87 -7.39 -6.40
C5 1SK D . 24.41 -8.27 -7.36
C6 1SK D . 23.20 -8.92 -7.18
C7 1SK D . 22.75 -9.79 -8.15
C8 1SK D . 23.53 -9.99 -9.28
C10 1SK D . 25.19 -8.46 -8.49
C15 1SK D . 26.27 -5.49 -5.96
C17 1SK D . 28.47 -6.50 -5.50
C20 1SK D . 28.46 -5.51 -2.91
C21 1SK D . 27.38 -5.25 -3.75
C22 1SK D . 26.61 -4.39 -6.97
C24 1SK D . 24.31 -4.52 -7.65
C26 1SK D . 25.41 -2.96 -8.48
F31 1SK D . 30.92 -8.65 -4.33
C27 1SK D . 30.72 -7.60 -5.13
F29 1SK D . 30.54 -8.02 -6.36
F30 1SK D . 31.79 -6.83 -5.10
C18 1SK D . 29.55 -6.78 -4.66
C19 1SK D . 29.52 -6.27 -3.38
CL28 1SK D . 30.92 -6.62 -2.31
C16 1SK D . 27.41 -5.73 -5.04
N23 1SK D . 25.37 -3.63 -7.19
C25 1SK D . 24.07 -3.58 -8.83
N14 1SK D . 26.05 -6.77 -6.62
C9 1SK D . 24.74 -9.34 -9.45
C11 1SK D . 21.45 -10.56 -8.11
N13 1SK D . 20.54 -10.48 -7.13
O12 1SK D . 21.22 -11.25 -9.08
C2 1SK D . 22.96 -7.81 -5.14
#